data_7R6X
#
_entry.id   7R6X
#
_cell.length_a   245.870
_cell.length_b   245.870
_cell.length_c   237.310
_cell.angle_alpha   90.000
_cell.angle_beta   90.000
_cell.angle_gamma   90.000
#
_symmetry.space_group_name_H-M   'I 41 2 2'
#
loop_
_entity.id
_entity.type
_entity.pdbx_description
1 polymer 'Monoclonal antibody S304 Fab light chain'
2 polymer 'Monoclonal antibody S304 Fab heavy chain'
3 polymer 'Spike protein S1'
4 polymer 'Monoclonal antibody S309 Fab light chain'
5 polymer 'Monoclonal antibody S309 Fab heavy chain'
6 polymer 'Monoclonal antibody S2E12 Fab light chain'
7 polymer 'Monoclonal antibody S2E12 Fab heavy chain'
8 non-polymer 2-acetamido-2-deoxy-beta-D-glucopyranose
9 non-polymer 'CHLORIDE ION'
10 water water
#
loop_
_entity_poly.entity_id
_entity_poly.type
_entity_poly.pdbx_seq_one_letter_code
_entity_poly.pdbx_strand_id
1 'polypeptide(L)'
;DIQMTQSPSSLSAAVGDRVTITCRASQSIGSYLNWYQQKPGKAPKLLIYAASSLQSGVPSRFSGSGSGTDFTLTISSLQP
EDFAIYYCQQSYVSPTYTFGPGTKVDIKRTVAAPSVFIFPPSDEQLKSGTASVVCLLNNFYPREAKVQWKVDNALQSGNS
QESVTEQDSKDSTYSLSSTLTLSKADYEKHKVYACEVTHQGLSSPVTKSFNRGEC
;
L
2 'polypeptide(L)'
;EVQLVESGGGLVQPGGSLRLSCAASGFTFSSYDMHWVRQTTGKGLEWVSTIGTAGDTYYPDSVKGRFTISREDAKNSLYL
QMNSLRAGDTAVYYCARGDSSGYYYYFDYWGQGTLLTVSSASTKGPSVFPLAPSSKSTSGGTAALGCLVKDYFPEPVTVS
WNSGALTSGVHTFPAVLQSSGLYSLSSVVTVPSSSLGTQTYICNVNHKPSNTKVDKKVEPKSC
;
H
3 'polypeptide(L)'
;ETGTRFPNITNLCPFGEVFNATRFASVYAWNRKRISNCVADYSVLYNSASFSTFKCYGVSPTKLNDLCFTNVYADSFVIR
GDEVRQIAPGQTGKIADYNYKLPDDFTGCVIAWNSNNLDSKVGGNYNYLYRLFRKSNLKPFERDISTEIYQAGSTPCNGV
EGFNCYFPLQSYGFQPTNGVGYQPYRVVVLSFELLHAPATVCGPKKSTHHHHHHHH
;
R
4 'polypeptide(L)'
;EIVLTQSPGTLSLSPGERATLSCRASQTVSSTSLAWYQQKPGQAPRLLIYGASSRATGIPDRFSGSGSGTDFTLTISRLE
PEDFAVYYCQQHDTSLTFGGGTKVEIKRTVAAPSVFIFPPSDEQLKSGTASVVCLLNNFYPREAKVQWKVDNALQSGNSQ
ESVTEQDSKDSTYSLSSTLTLSKADYEKHKVYACEVTHQGLSSPVTKSFNRGEC
;
B
5 'polypeptide(L)'
;QVQLVQSGAEVKKPGASVKVSCKASGYPFTSYGISWVRQAPGQGLEWMGWISTYNGNTNYAQKFQGRVTMTTDTSTTTGY
MELRRLRSDDTAVYYCARDYTRGAWFGESLIGGFDNWGQGTLVTVSSASTKGPSVFPLAPSSKSTSGGTAALGCLVKDYF
PEPVTVSWNSGALTSGVHTFPAVLQSSGLYSLSSVVTVPSSSLGTQTYICNVNHKPSNTKVDKKVEPKSC
;
A
6 'polypeptide(L)'
;DIVLTQTPGTLSLSPGERATLSCRASQSVSSSYLAWYQQKPGQAPRLLIYGASSRATGIPDRFSGSGSGTDFTLTISRLE
PEDFAVYYCQQYVGLTGWTFGQGTKVEIKRTVAAPSVFIFPPSDEQLKSGTASVVCLLNNFYPREAKVQWKVDNALQSGN
SQESVTEQDSKDSTYSLSSTLTLSKADYEKHKVYACEVTHQGLSSPVTKSFNRGEC
;
D
7 'polypeptide(L)'
;QVQLVQSGPEVKKPGTSVRVSCKASGFTFTSSAVQWVRQARGQRLEWVGWIVVGSGNTNYAQKFHERVTITRDMSTSTAY
MELSSLRSEDTAVYYCASPYCSGGSCSDGFDIWGQGTMVTVSSASTKGPSVFPLAPSSKSTSGGTAALGCLVKDYFPEPV
TVSWNSGALTSGVHTFPAVLQSSGLYSLSSVVTVPSSSLGTQTYICNVNHKPSNTKVDKRVEPKSC
;
C
#
# COMPACT_ATOMS: atom_id res chain seq x y z
N ASP A 1 -6.47 3.39 -21.52
CA ASP A 1 -6.00 2.20 -22.29
C ASP A 1 -5.37 2.67 -23.61
N ILE A 2 -4.75 1.74 -24.33
CA ILE A 2 -4.41 1.90 -25.73
C ILE A 2 -5.26 0.90 -26.52
N GLN A 3 -5.96 1.41 -27.54
CA GLN A 3 -6.91 0.61 -28.29
C GLN A 3 -6.43 0.49 -29.74
N MET A 4 -6.55 -0.71 -30.30
CA MET A 4 -6.12 -0.96 -31.67
C MET A 4 -7.34 -1.00 -32.58
N THR A 5 -7.19 -0.39 -33.76
CA THR A 5 -8.15 -0.55 -34.83
C THR A 5 -7.41 -1.07 -36.07
N GLN A 6 -7.99 -2.10 -36.69
CA GLN A 6 -7.45 -2.66 -37.91
C GLN A 6 -8.39 -2.30 -39.06
N SER A 7 -7.85 -2.32 -40.28
CA SER A 7 -8.61 -1.95 -41.47
C SER A 7 -7.98 -2.61 -42.68
N PRO A 8 -8.78 -3.18 -43.61
CA PRO A 8 -10.24 -3.34 -43.40
C PRO A 8 -10.57 -4.63 -42.68
N SER A 9 -11.84 -4.77 -42.28
CA SER A 9 -12.29 -5.90 -41.48
C SER A 9 -12.33 -7.19 -42.30
N SER A 10 -12.70 -7.04 -43.59
CA SER A 10 -12.74 -8.14 -44.55
C SER A 10 -11.80 -7.83 -45.70
N LEU A 11 -11.25 -8.88 -46.32
CA LEU A 11 -10.44 -8.73 -47.51
C LEU A 11 -10.53 -10.02 -48.32
N SER A 12 -10.57 -9.88 -49.65
CA SER A 12 -10.52 -11.02 -50.55
C SER A 12 -9.41 -10.79 -51.58
N ALA A 13 -8.63 -11.84 -51.85
CA ALA A 13 -7.59 -11.83 -52.88
C ALA A 13 -7.30 -13.26 -53.33
N ALA A 14 -6.89 -13.40 -54.58
CA ALA A 14 -6.49 -14.69 -55.13
C ALA A 14 -5.10 -15.05 -54.62
N VAL A 15 -4.79 -16.35 -54.65
CA VAL A 15 -3.46 -16.85 -54.40
C VAL A 15 -2.50 -16.18 -55.40
N GLY A 16 -1.39 -15.64 -54.89
CA GLY A 16 -0.39 -15.00 -55.72
C GLY A 16 -0.37 -13.48 -55.53
N ASP A 17 -1.51 -12.91 -55.13
CA ASP A 17 -1.67 -11.48 -54.94
C ASP A 17 -0.89 -11.01 -53.72
N ARG A 18 -0.77 -9.68 -53.59
CA ARG A 18 -0.17 -9.06 -52.42
C ARG A 18 -1.27 -8.43 -51.58
N VAL A 19 -1.48 -8.98 -50.38
CA VAL A 19 -2.42 -8.44 -49.42
C VAL A 19 -1.65 -7.50 -48.50
N THR A 20 -2.27 -6.36 -48.16
CA THR A 20 -1.69 -5.40 -47.23
C THR A 20 -2.77 -4.97 -46.25
N ILE A 21 -2.55 -5.20 -44.95
CA ILE A 21 -3.56 -4.87 -43.97
C ILE A 21 -3.01 -3.89 -42.94
N THR A 22 -3.93 -3.05 -42.43
CA THR A 22 -3.57 -1.90 -41.62
C THR A 22 -3.99 -2.13 -40.17
N CYS A 23 -3.19 -1.56 -39.26
CA CYS A 23 -3.45 -1.50 -37.82
C CYS A 23 -3.12 -0.08 -37.37
N ARG A 24 -3.86 0.41 -36.37
CA ARG A 24 -3.64 1.77 -35.90
C ARG A 24 -3.84 1.86 -34.39
N ALA A 25 -2.78 2.26 -33.69
CA ALA A 25 -2.84 2.48 -32.26
C ALA A 25 -3.49 3.84 -31.98
N SER A 26 -4.13 3.97 -30.81
CA SER A 26 -4.90 5.17 -30.47
C SER A 26 -3.97 6.28 -29.97
N GLN A 27 -2.71 5.90 -29.73
CA GLN A 27 -1.63 6.82 -29.41
C GLN A 27 -0.32 6.18 -29.84
N SER A 28 0.75 6.98 -29.92
CA SER A 28 2.01 6.52 -30.50
C SER A 28 2.61 5.40 -29.65
N ILE A 29 3.06 4.32 -30.29
CA ILE A 29 3.54 3.16 -29.56
C ILE A 29 4.86 2.64 -30.16
N GLY A 30 5.57 3.51 -30.89
CA GLY A 30 6.87 3.13 -31.44
C GLY A 30 6.78 1.83 -32.24
N SER A 31 7.70 0.89 -31.98
CA SER A 31 7.68 -0.37 -32.72
C SER A 31 7.11 -1.47 -31.83
N TYR A 32 6.38 -1.07 -30.79
CA TYR A 32 5.73 -2.00 -29.88
C TYR A 32 4.43 -2.48 -30.52
N LEU A 33 4.55 -3.43 -31.46
CA LEU A 33 3.41 -3.94 -32.21
C LEU A 33 3.70 -5.38 -32.64
N ASN A 34 2.71 -6.26 -32.43
CA ASN A 34 2.82 -7.65 -32.82
C ASN A 34 1.67 -8.00 -33.77
N TRP A 35 1.91 -8.98 -34.63
CA TRP A 35 0.93 -9.48 -35.59
C TRP A 35 0.71 -10.97 -35.35
N TYR A 36 -0.57 -11.36 -35.21
CA TYR A 36 -0.95 -12.75 -34.97
C TYR A 36 -1.87 -13.24 -36.08
N GLN A 37 -1.68 -14.51 -36.47
CA GLN A 37 -2.51 -15.18 -37.46
C GLN A 37 -3.35 -16.26 -36.76
N GLN A 38 -4.65 -16.30 -37.06
CA GLN A 38 -5.53 -17.29 -36.44
C GLN A 38 -6.37 -18.00 -37.49
N LYS A 39 -5.96 -19.21 -37.84
CA LYS A 39 -6.72 -20.10 -38.72
C LYS A 39 -7.89 -20.69 -37.93
N PRO A 40 -9.07 -20.91 -38.56
CA PRO A 40 -10.30 -21.17 -37.81
C PRO A 40 -10.22 -22.47 -37.00
N GLY A 41 -10.52 -22.36 -35.71
CA GLY A 41 -10.53 -23.49 -34.79
C GLY A 41 -9.17 -23.74 -34.17
N LYS A 42 -8.23 -22.82 -34.40
CA LYS A 42 -6.89 -22.93 -33.86
C LYS A 42 -6.59 -21.70 -33.01
N ALA A 43 -5.53 -21.79 -32.20
CA ALA A 43 -5.10 -20.67 -31.38
C ALA A 43 -4.36 -19.68 -32.26
N PRO A 44 -4.28 -18.37 -31.89
CA PRO A 44 -3.44 -17.42 -32.59
C PRO A 44 -2.00 -17.94 -32.72
N LYS A 45 -1.33 -17.48 -33.79
CA LYS A 45 0.07 -17.78 -34.01
C LYS A 45 0.78 -16.45 -34.24
N LEU A 46 1.96 -16.30 -33.65
CA LEU A 46 2.71 -15.05 -33.74
C LEU A 46 3.45 -15.03 -35.08
N LEU A 47 3.25 -13.93 -35.83
CA LEU A 47 3.93 -13.71 -37.10
C LEU A 47 5.07 -12.72 -36.92
N ILE A 48 4.74 -11.55 -36.36
CA ILE A 48 5.65 -10.41 -36.30
C ILE A 48 5.62 -9.83 -34.88
N TYR A 49 6.81 -9.54 -34.34
CA TYR A 49 6.94 -8.71 -33.16
C TYR A 49 7.81 -7.51 -33.48
N ALA A 50 7.81 -6.53 -32.58
CA ALA A 50 8.63 -5.34 -32.72
C ALA A 50 8.36 -4.68 -34.07
N ALA A 51 7.08 -4.62 -34.44
CA ALA A 51 6.57 -3.95 -35.64
C ALA A 51 7.00 -4.64 -36.94
N SER A 52 8.17 -5.29 -36.93
CA SER A 52 8.81 -5.64 -38.20
C SER A 52 9.68 -6.90 -38.13
N SER A 53 9.81 -7.53 -36.95
CA SER A 53 10.63 -8.72 -36.87
C SER A 53 9.79 -9.97 -37.15
N LEU A 54 10.28 -10.79 -38.08
CA LEU A 54 9.64 -12.05 -38.38
C LEU A 54 10.00 -13.05 -37.29
N GLN A 55 8.97 -13.68 -36.70
CA GLN A 55 9.17 -14.74 -35.72
C GLN A 55 9.82 -15.95 -36.41
N SER A 56 10.64 -16.69 -35.66
CA SER A 56 11.28 -17.88 -36.18
C SER A 56 10.22 -18.83 -36.71
N GLY A 57 10.43 -19.33 -37.93
CA GLY A 57 9.60 -20.36 -38.52
C GLY A 57 8.46 -19.82 -39.37
N VAL A 58 8.19 -18.51 -39.24
CA VAL A 58 7.17 -17.84 -40.04
C VAL A 58 7.70 -17.66 -41.46
N PRO A 59 6.91 -17.95 -42.51
CA PRO A 59 7.34 -17.74 -43.90
C PRO A 59 7.67 -16.27 -44.18
N SER A 60 8.73 -16.07 -44.96
CA SER A 60 9.35 -14.78 -45.21
C SER A 60 8.46 -13.90 -46.09
N ARG A 61 7.42 -14.48 -46.69
CA ARG A 61 6.47 -13.72 -47.48
C ARG A 61 5.73 -12.72 -46.59
N PHE A 62 5.61 -13.07 -45.29
CA PHE A 62 4.96 -12.22 -44.30
C PHE A 62 5.92 -11.12 -43.86
N SER A 63 5.42 -9.89 -43.82
CA SER A 63 6.27 -8.77 -43.42
C SER A 63 5.48 -7.77 -42.59
N GLY A 64 6.20 -7.10 -41.68
CA GLY A 64 5.62 -6.02 -40.92
C GLY A 64 6.42 -4.73 -41.13
N SER A 65 5.69 -3.61 -41.15
CA SER A 65 6.30 -2.30 -41.34
C SER A 65 5.53 -1.27 -40.55
N GLY A 66 6.14 -0.11 -40.35
CA GLY A 66 5.48 1.00 -39.68
C GLY A 66 6.01 1.15 -38.25
N SER A 67 5.70 2.32 -37.66
CA SER A 67 6.09 2.62 -36.29
C SER A 67 5.45 3.95 -35.90
N GLY A 68 5.26 4.14 -34.60
CA GLY A 68 4.42 5.22 -34.11
C GLY A 68 2.97 4.76 -34.05
N THR A 69 2.15 5.23 -34.97
CA THR A 69 0.71 5.11 -34.79
C THR A 69 0.08 4.19 -35.83
N ASP A 70 0.77 3.98 -36.96
CA ASP A 70 0.20 3.27 -38.10
C ASP A 70 1.12 2.13 -38.55
N PHE A 71 0.52 0.96 -38.85
CA PHE A 71 1.25 -0.29 -38.99
C PHE A 71 0.68 -1.13 -40.12
N THR A 72 1.56 -1.89 -40.79
CA THR A 72 1.18 -2.68 -41.95
C THR A 72 1.77 -4.09 -41.88
N LEU A 73 0.89 -5.09 -42.01
CA LEU A 73 1.29 -6.44 -42.32
C LEU A 73 1.03 -6.68 -43.80
N THR A 74 2.04 -7.24 -44.48
CA THR A 74 1.98 -7.51 -45.91
C THR A 74 2.37 -8.96 -46.17
N ILE A 75 1.41 -9.70 -46.74
CA ILE A 75 1.69 -11.00 -47.35
C ILE A 75 2.00 -10.72 -48.81
N SER A 76 3.26 -10.96 -49.21
CA SER A 76 3.72 -10.55 -50.53
C SER A 76 3.07 -11.43 -51.60
N SER A 77 3.06 -12.75 -51.37
CA SER A 77 2.44 -13.67 -52.32
C SER A 77 1.50 -14.63 -51.59
N LEU A 78 0.21 -14.25 -51.54
CA LEU A 78 -0.81 -15.01 -50.84
C LEU A 78 -0.73 -16.49 -51.23
N GLN A 79 -1.10 -17.35 -50.27
CA GLN A 79 -1.13 -18.79 -50.48
C GLN A 79 -2.50 -19.29 -50.05
N PRO A 80 -2.88 -20.54 -50.39
CA PRO A 80 -4.20 -21.06 -50.05
C PRO A 80 -4.43 -21.18 -48.55
N GLU A 81 -3.35 -21.43 -47.80
CA GLU A 81 -3.44 -21.68 -46.37
C GLU A 81 -3.36 -20.36 -45.59
N ASP A 82 -3.13 -19.25 -46.28
CA ASP A 82 -2.99 -17.95 -45.64
C ASP A 82 -4.36 -17.38 -45.30
N PHE A 83 -5.42 -18.14 -45.58
CA PHE A 83 -6.77 -17.77 -45.17
C PHE A 83 -6.86 -17.84 -43.66
N ALA A 84 -6.95 -16.67 -43.01
CA ALA A 84 -7.04 -16.58 -41.56
C ALA A 84 -7.55 -15.20 -41.16
N ILE A 85 -7.79 -15.04 -39.86
CA ILE A 85 -8.01 -13.71 -39.29
C ILE A 85 -6.67 -13.24 -38.75
N TYR A 86 -6.33 -11.98 -39.05
CA TYR A 86 -5.06 -11.40 -38.64
C TYR A 86 -5.30 -10.33 -37.59
N TYR A 87 -4.51 -10.41 -36.50
CA TYR A 87 -4.69 -9.56 -35.35
C TYR A 87 -3.38 -8.85 -35.04
N CYS A 88 -3.47 -7.52 -34.82
CA CYS A 88 -2.33 -6.75 -34.34
C CYS A 88 -2.52 -6.49 -32.85
N GLN A 89 -1.39 -6.45 -32.12
CA GLN A 89 -1.40 -6.33 -30.69
C GLN A 89 -0.28 -5.38 -30.25
N GLN A 90 -0.68 -4.32 -29.53
CA GLN A 90 0.27 -3.37 -28.99
C GLN A 90 0.94 -3.99 -27.75
N SER A 91 2.20 -3.61 -27.55
CA SER A 91 3.02 -4.19 -26.50
C SER A 91 3.83 -3.09 -25.83
N TYR A 92 3.26 -1.89 -25.82
CA TYR A 92 3.93 -0.76 -25.21
C TYR A 92 3.57 -0.74 -23.73
N VAL A 93 2.28 -0.58 -23.45
CA VAL A 93 1.79 -0.53 -22.09
C VAL A 93 1.39 -1.93 -21.66
N SER A 94 2.13 -2.47 -20.69
CA SER A 94 1.86 -3.75 -20.08
C SER A 94 1.54 -3.53 -18.60
N PRO A 95 0.86 -4.47 -17.92
CA PRO A 95 0.57 -5.81 -18.46
C PRO A 95 -0.67 -5.87 -19.34
N THR A 96 -1.35 -4.73 -19.47
CA THR A 96 -2.62 -4.62 -20.17
C THR A 96 -2.38 -4.56 -21.67
N TYR A 97 -1.79 -5.62 -22.23
CA TYR A 97 -1.64 -5.72 -23.67
C TYR A 97 -3.03 -5.72 -24.30
N THR A 98 -3.18 -5.03 -25.43
CA THR A 98 -4.47 -5.01 -26.12
C THR A 98 -4.30 -5.46 -27.56
N PHE A 99 -5.34 -6.12 -28.08
CA PHE A 99 -5.36 -6.65 -29.44
C PHE A 99 -6.31 -5.79 -30.28
N GLY A 100 -6.15 -5.88 -31.60
CA GLY A 100 -7.07 -5.23 -32.53
C GLY A 100 -8.31 -6.09 -32.77
N PRO A 101 -9.33 -5.55 -33.49
CA PRO A 101 -10.57 -6.29 -33.75
C PRO A 101 -10.36 -7.50 -34.66
N GLY A 102 -9.41 -7.39 -35.60
CA GLY A 102 -9.06 -8.49 -36.47
C GLY A 102 -9.46 -8.23 -37.92
N THR A 103 -8.65 -8.73 -38.86
CA THR A 103 -8.92 -8.66 -40.28
C THR A 103 -9.01 -10.07 -40.85
N LYS A 104 -10.13 -10.37 -41.51
CA LYS A 104 -10.32 -11.68 -42.11
C LYS A 104 -9.93 -11.62 -43.58
N VAL A 105 -8.97 -12.47 -43.98
CA VAL A 105 -8.51 -12.57 -45.36
C VAL A 105 -9.08 -13.83 -46.00
N ASP A 106 -9.95 -13.61 -47.01
CA ASP A 106 -10.56 -14.64 -47.82
C ASP A 106 -9.75 -14.86 -49.09
N ILE A 107 -10.02 -15.98 -49.77
CA ILE A 107 -9.32 -16.35 -50.99
C ILE A 107 -10.29 -16.22 -52.18
N LYS A 108 -9.76 -15.72 -53.30
CA LYS A 108 -10.48 -15.66 -54.56
C LYS A 108 -10.03 -16.82 -55.46
N ARG A 109 -10.83 -17.89 -55.46
CA ARG A 109 -10.60 -19.06 -56.29
C ARG A 109 -11.19 -18.81 -57.68
N THR A 110 -11.00 -19.76 -58.59
CA THR A 110 -11.76 -19.79 -59.83
C THR A 110 -13.19 -20.25 -59.49
N VAL A 111 -14.16 -19.75 -60.26
CA VAL A 111 -15.57 -20.06 -60.06
C VAL A 111 -15.76 -21.57 -60.21
N ALA A 112 -16.29 -22.21 -59.15
CA ALA A 112 -16.59 -23.63 -59.15
C ALA A 112 -18.02 -23.87 -58.70
N ALA A 113 -18.54 -25.06 -59.00
CA ALA A 113 -19.96 -25.36 -58.88
C ALA A 113 -20.22 -26.41 -57.79
N PRO A 114 -21.27 -26.24 -56.96
CA PRO A 114 -21.62 -27.22 -55.93
C PRO A 114 -22.17 -28.55 -56.45
N SER A 115 -21.56 -29.65 -56.02
CA SER A 115 -22.02 -31.00 -56.31
C SER A 115 -23.04 -31.42 -55.24
N VAL A 116 -24.32 -31.22 -55.57
CA VAL A 116 -25.39 -31.25 -54.58
C VAL A 116 -25.77 -32.69 -54.23
N PHE A 117 -25.94 -32.92 -52.92
CA PHE A 117 -26.43 -34.18 -52.36
C PHE A 117 -27.65 -33.88 -51.49
N ILE A 118 -28.47 -34.92 -51.25
CA ILE A 118 -29.65 -34.78 -50.40
C ILE A 118 -29.83 -36.07 -49.59
N PHE A 119 -29.94 -35.92 -48.26
CA PHE A 119 -30.02 -37.05 -47.34
C PHE A 119 -31.38 -37.07 -46.65
N PRO A 120 -32.20 -38.14 -46.84
CA PRO A 120 -33.50 -38.25 -46.19
C PRO A 120 -33.38 -38.67 -44.72
N PRO A 121 -34.37 -38.32 -43.86
CA PRO A 121 -34.35 -38.70 -42.43
C PRO A 121 -34.24 -40.20 -42.17
N SER A 122 -33.53 -40.55 -41.10
CA SER A 122 -33.30 -41.93 -40.70
C SER A 122 -34.54 -42.50 -40.02
N ASP A 123 -34.49 -43.79 -39.69
CA ASP A 123 -35.61 -44.50 -39.08
C ASP A 123 -35.71 -44.17 -37.59
N GLU A 124 -34.56 -43.93 -36.95
CA GLU A 124 -34.53 -43.64 -35.52
C GLU A 124 -35.06 -42.23 -35.26
N GLN A 125 -34.78 -41.30 -36.19
CA GLN A 125 -35.18 -39.91 -36.07
C GLN A 125 -36.69 -39.80 -36.23
N LEU A 126 -37.26 -40.59 -37.15
CA LEU A 126 -38.70 -40.60 -37.37
C LEU A 126 -39.41 -41.20 -36.15
N LYS A 127 -38.69 -42.03 -35.40
CA LYS A 127 -39.24 -42.76 -34.27
C LYS A 127 -39.29 -41.87 -33.02
N SER A 128 -39.04 -40.57 -33.20
CA SER A 128 -39.06 -39.63 -32.09
C SER A 128 -40.00 -38.46 -32.39
N GLY A 129 -40.45 -38.35 -33.64
CA GLY A 129 -41.33 -37.28 -34.08
C GLY A 129 -40.55 -36.07 -34.58
N THR A 130 -39.30 -36.30 -35.00
CA THR A 130 -38.45 -35.29 -35.59
C THR A 130 -38.29 -35.59 -37.08
N ALA A 131 -38.34 -34.54 -37.91
CA ALA A 131 -38.04 -34.65 -39.33
C ALA A 131 -36.97 -33.62 -39.70
N SER A 132 -35.74 -34.11 -39.95
CA SER A 132 -34.66 -33.28 -40.46
C SER A 132 -34.21 -33.79 -41.82
N VAL A 133 -34.48 -32.99 -42.85
CA VAL A 133 -34.09 -33.30 -44.22
C VAL A 133 -32.89 -32.44 -44.58
N VAL A 134 -31.78 -33.09 -44.95
CA VAL A 134 -30.49 -32.45 -45.09
C VAL A 134 -30.13 -32.33 -46.57
N CYS A 135 -29.79 -31.10 -46.99
CA CYS A 135 -29.37 -30.80 -48.35
C CYS A 135 -27.98 -30.18 -48.32
N LEU A 136 -27.08 -30.74 -49.14
CA LEU A 136 -25.64 -30.49 -49.03
C LEU A 136 -25.12 -29.88 -50.34
N LEU A 137 -24.26 -28.87 -50.19
CA LEU A 137 -23.52 -28.28 -51.29
C LEU A 137 -22.03 -28.43 -51.01
N ASN A 138 -21.41 -29.42 -51.66
CA ASN A 138 -20.14 -29.98 -51.22
C ASN A 138 -18.98 -29.02 -51.46
N ASN A 139 -18.67 -28.77 -52.74
CA ASN A 139 -17.43 -28.09 -53.11
C ASN A 139 -17.77 -26.95 -54.06
N PHE A 140 -17.74 -25.70 -53.56
CA PHE A 140 -18.15 -24.58 -54.39
C PHE A 140 -17.38 -23.29 -54.05
N TYR A 141 -17.53 -22.31 -54.95
CA TYR A 141 -17.06 -20.94 -54.77
C TYR A 141 -17.80 -20.03 -55.75
N PRO A 142 -18.39 -18.89 -55.29
CA PRO A 142 -18.42 -18.52 -53.87
C PRO A 142 -19.68 -19.01 -53.15
N ASN A 159 -38.12 -22.52 -41.30
CA ASN A 159 -38.15 -23.88 -40.68
C ASN A 159 -36.95 -24.70 -41.15
N SER A 160 -35.96 -24.02 -41.71
CA SER A 160 -34.72 -24.67 -42.16
C SER A 160 -33.52 -23.74 -41.91
N GLN A 161 -32.46 -24.30 -41.32
CA GLN A 161 -31.28 -23.55 -40.92
C GLN A 161 -30.10 -23.89 -41.84
N GLU A 162 -29.46 -22.84 -42.36
CA GLU A 162 -28.32 -23.00 -43.25
C GLU A 162 -27.03 -22.89 -42.42
N SER A 163 -26.03 -23.73 -42.75
CA SER A 163 -24.76 -23.73 -42.04
C SER A 163 -23.61 -23.62 -43.03
N VAL A 164 -22.80 -22.55 -42.88
CA VAL A 164 -21.71 -22.24 -43.79
C VAL A 164 -20.40 -22.69 -43.15
N THR A 165 -19.56 -23.38 -43.95
CA THR A 165 -18.21 -23.68 -43.52
C THR A 165 -17.30 -22.49 -43.81
N GLU A 166 -16.14 -22.49 -43.16
CA GLU A 166 -15.06 -21.57 -43.51
C GLU A 166 -14.39 -22.07 -44.77
N GLN A 167 -13.71 -21.17 -45.48
CA GLN A 167 -12.99 -21.48 -46.70
C GLN A 167 -11.97 -22.58 -46.40
N ASP A 168 -12.15 -23.75 -47.03
CA ASP A 168 -11.23 -24.87 -46.89
C ASP A 168 -9.84 -24.43 -47.34
N SER A 169 -8.85 -24.68 -46.47
CA SER A 169 -7.50 -24.15 -46.65
C SER A 169 -6.89 -24.66 -47.96
N LYS A 170 -7.14 -25.93 -48.29
CA LYS A 170 -6.45 -26.60 -49.37
C LYS A 170 -6.96 -26.12 -50.73
N ASP A 171 -8.27 -26.29 -50.98
CA ASP A 171 -8.81 -26.15 -52.33
C ASP A 171 -9.68 -24.90 -52.48
N SER A 172 -9.68 -24.04 -51.45
CA SER A 172 -10.27 -22.70 -51.48
C SER A 172 -11.78 -22.73 -51.71
N THR A 173 -12.43 -23.84 -51.35
CA THR A 173 -13.85 -24.00 -51.61
C THR A 173 -14.65 -23.87 -50.31
N TYR A 174 -15.95 -23.65 -50.44
CA TYR A 174 -16.86 -23.64 -49.30
C TYR A 174 -17.70 -24.91 -49.30
N SER A 175 -18.55 -25.04 -48.28
CA SER A 175 -19.67 -25.95 -48.24
C SER A 175 -20.87 -25.24 -47.60
N LEU A 176 -22.08 -25.72 -47.91
CA LEU A 176 -23.27 -25.22 -47.24
C LEU A 176 -24.24 -26.38 -47.02
N SER A 177 -24.79 -26.44 -45.80
CA SER A 177 -25.79 -27.42 -45.44
C SER A 177 -27.08 -26.72 -45.08
N SER A 178 -28.19 -27.20 -45.68
CA SER A 178 -29.53 -26.75 -45.36
C SER A 178 -30.22 -27.83 -44.53
N THR A 179 -30.75 -27.45 -43.37
CA THR A 179 -31.46 -28.38 -42.50
C THR A 179 -32.95 -28.06 -42.53
N LEU A 180 -33.68 -28.74 -43.42
CA LEU A 180 -35.08 -28.45 -43.70
C LEU A 180 -35.95 -28.77 -42.48
N VAL B 2 7.52 -27.80 -28.17
CA VAL B 2 6.95 -26.82 -27.17
C VAL B 2 5.43 -26.83 -27.25
N GLN B 3 4.77 -27.38 -26.22
CA GLN B 3 3.33 -27.56 -26.24
C GLN B 3 2.70 -26.93 -25.00
N LEU B 4 1.43 -26.51 -25.15
CA LEU B 4 0.58 -26.09 -24.06
C LEU B 4 -0.80 -26.72 -24.31
N VAL B 5 -1.36 -27.40 -23.30
CA VAL B 5 -2.63 -28.09 -23.44
C VAL B 5 -3.57 -27.65 -22.33
N GLU B 6 -4.60 -26.86 -22.67
CA GLU B 6 -5.54 -26.38 -21.68
C GLU B 6 -6.52 -27.49 -21.32
N SER B 7 -7.04 -27.42 -20.09
CA SER B 7 -8.18 -28.22 -19.65
C SER B 7 -8.91 -27.48 -18.54
N GLY B 8 -10.19 -27.81 -18.38
CA GLY B 8 -11.01 -27.24 -17.31
C GLY B 8 -12.29 -26.60 -17.85
N GLY B 9 -12.33 -26.39 -19.16
CA GLY B 9 -13.46 -25.73 -19.80
C GLY B 9 -14.73 -26.57 -19.77
N GLY B 10 -15.87 -25.91 -19.49
CA GLY B 10 -17.18 -26.54 -19.51
C GLY B 10 -18.27 -25.56 -19.13
N LEU B 11 -19.48 -26.09 -18.84
CA LEU B 11 -20.59 -25.28 -18.40
C LEU B 11 -20.43 -24.97 -16.92
N VAL B 12 -20.87 -23.77 -16.50
CA VAL B 12 -20.83 -23.40 -15.10
C VAL B 12 -21.95 -22.40 -14.81
N GLN B 13 -22.48 -22.48 -13.58
CA GLN B 13 -23.55 -21.63 -13.10
C GLN B 13 -23.07 -20.18 -13.02
N PRO B 14 -23.93 -19.20 -13.37
CA PRO B 14 -23.68 -17.81 -13.00
C PRO B 14 -23.42 -17.72 -11.50
N GLY B 15 -22.47 -16.87 -11.11
CA GLY B 15 -22.01 -16.78 -9.74
C GLY B 15 -21.10 -17.96 -9.36
N GLY B 16 -21.01 -18.96 -10.25
CA GLY B 16 -20.26 -20.18 -10.02
C GLY B 16 -18.75 -19.97 -10.03
N SER B 17 -18.03 -21.09 -10.15
CA SER B 17 -16.59 -21.12 -9.93
C SER B 17 -15.98 -22.28 -10.72
N LEU B 18 -14.77 -22.07 -11.26
CA LEU B 18 -14.11 -23.03 -12.14
C LEU B 18 -12.61 -22.77 -12.16
N ARG B 19 -11.82 -23.84 -12.33
CA ARG B 19 -10.37 -23.70 -12.36
C ARG B 19 -9.80 -24.30 -13.64
N LEU B 20 -9.20 -23.43 -14.47
CA LEU B 20 -8.57 -23.87 -15.70
C LEU B 20 -7.14 -24.33 -15.40
N SER B 21 -6.62 -25.19 -16.27
CA SER B 21 -5.33 -25.82 -16.08
C SER B 21 -4.58 -25.86 -17.40
N CYS B 22 -3.28 -25.53 -17.36
CA CYS B 22 -2.45 -25.63 -18.55
C CYS B 22 -1.28 -26.57 -18.29
N ALA B 23 -1.08 -27.52 -19.21
CA ALA B 23 0.00 -28.48 -19.09
C ALA B 23 1.07 -28.16 -20.13
N ALA B 24 2.22 -27.66 -19.65
CA ALA B 24 3.30 -27.23 -20.51
C ALA B 24 4.32 -28.36 -20.66
N SER B 25 4.85 -28.53 -21.88
CA SER B 25 5.97 -29.42 -22.08
C SER B 25 6.95 -28.81 -23.09
N GLY B 26 8.13 -29.43 -23.23
CA GLY B 26 9.05 -29.10 -24.30
C GLY B 26 9.88 -27.85 -24.04
N PHE B 27 9.68 -27.21 -22.88
CA PHE B 27 10.51 -26.06 -22.53
C PHE B 27 10.72 -25.97 -21.03
N THR B 28 11.68 -25.13 -20.61
CA THR B 28 11.93 -24.88 -19.20
C THR B 28 10.83 -23.97 -18.67
N PHE B 29 9.79 -24.58 -18.12
CA PHE B 29 8.54 -23.90 -17.79
C PHE B 29 8.83 -22.75 -16.83
N SER B 30 9.65 -23.03 -15.81
CA SER B 30 9.86 -22.11 -14.70
C SER B 30 10.54 -20.83 -15.17
N SER B 31 11.12 -20.89 -16.38
CA SER B 31 11.91 -19.82 -16.96
C SER B 31 11.06 -18.74 -17.60
N TYR B 32 9.81 -19.05 -17.95
CA TYR B 32 9.04 -18.13 -18.78
C TYR B 32 7.76 -17.68 -18.08
N ASP B 33 7.34 -16.45 -18.38
CA ASP B 33 6.04 -15.96 -17.93
C ASP B 33 4.95 -16.71 -18.68
N MET B 34 3.81 -16.90 -18.02
CA MET B 34 2.65 -17.55 -18.63
C MET B 34 1.46 -16.60 -18.54
N HIS B 35 0.50 -16.79 -19.45
CA HIS B 35 -0.65 -15.90 -19.53
C HIS B 35 -1.91 -16.68 -19.90
N TRP B 36 -3.05 -16.09 -19.51
CA TRP B 36 -4.35 -16.51 -20.01
C TRP B 36 -4.91 -15.37 -20.85
N VAL B 37 -5.36 -15.72 -22.07
CA VAL B 37 -6.05 -14.82 -22.97
C VAL B 37 -7.38 -15.47 -23.35
N ARG B 38 -8.47 -14.71 -23.28
CA ARG B 38 -9.76 -15.23 -23.71
C ARG B 38 -10.13 -14.64 -25.06
N GLN B 39 -11.08 -15.29 -25.73
CA GLN B 39 -11.62 -14.81 -27.00
C GLN B 39 -13.14 -14.97 -26.97
N THR B 40 -13.83 -13.90 -27.39
CA THR B 40 -15.28 -13.84 -27.34
C THR B 40 -15.82 -13.37 -28.69
N THR B 41 -17.07 -13.72 -28.98
CA THR B 41 -17.83 -13.19 -30.09
C THR B 41 -17.80 -11.66 -30.04
N GLY B 42 -17.41 -11.05 -31.17
CA GLY B 42 -17.42 -9.60 -31.32
C GLY B 42 -16.29 -8.93 -30.54
N LYS B 43 -16.20 -9.22 -29.23
CA LYS B 43 -15.32 -8.50 -28.32
C LYS B 43 -13.89 -9.08 -28.34
N GLY B 44 -13.59 -9.86 -29.38
CA GLY B 44 -12.23 -10.20 -29.78
C GLY B 44 -11.37 -10.81 -28.67
N LEU B 45 -10.05 -10.74 -28.87
CA LEU B 45 -9.08 -11.29 -27.94
C LEU B 45 -8.88 -10.31 -26.78
N GLU B 46 -8.89 -10.86 -25.56
CA GLU B 46 -8.77 -10.08 -24.35
C GLU B 46 -7.72 -10.74 -23.46
N TRP B 47 -6.79 -9.94 -22.93
CA TRP B 47 -5.81 -10.44 -21.98
C TRP B 47 -6.51 -10.62 -20.62
N VAL B 48 -6.29 -11.79 -20.01
CA VAL B 48 -6.99 -12.15 -18.78
C VAL B 48 -6.03 -12.10 -17.61
N SER B 49 -4.82 -12.65 -17.79
CA SER B 49 -3.92 -12.76 -16.65
C SER B 49 -2.49 -13.04 -17.09
N THR B 50 -1.55 -12.47 -16.33
CA THR B 50 -0.12 -12.73 -16.47
C THR B 50 0.43 -13.19 -15.13
N ILE B 51 1.22 -14.28 -15.15
CA ILE B 51 2.08 -14.61 -14.03
C ILE B 51 3.53 -14.52 -14.51
N GLY B 52 4.37 -13.84 -13.73
CA GLY B 52 5.77 -13.71 -14.03
C GLY B 52 6.55 -14.95 -13.60
N THR B 53 7.85 -14.77 -13.34
CA THR B 53 8.72 -15.86 -12.91
C THR B 53 9.24 -15.58 -11.50
N ALA B 54 8.58 -14.65 -10.80
CA ALA B 54 8.98 -14.28 -9.45
C ALA B 54 7.74 -14.13 -8.57
N GLY B 55 6.67 -14.85 -8.94
CA GLY B 55 5.43 -14.83 -8.17
C GLY B 55 4.65 -13.53 -8.36
N ASP B 56 5.12 -12.69 -9.28
CA ASP B 56 4.40 -11.50 -9.68
C ASP B 56 3.17 -11.93 -10.50
N THR B 57 2.00 -11.40 -10.12
CA THR B 57 0.80 -11.66 -10.91
C THR B 57 0.09 -10.36 -11.24
N TYR B 58 -0.55 -10.34 -12.41
CA TYR B 58 -1.13 -9.14 -13.00
C TYR B 58 -2.49 -9.48 -13.59
N TYR B 59 -3.47 -8.60 -13.37
CA TYR B 59 -4.83 -8.79 -13.83
C TYR B 59 -5.38 -7.46 -14.35
N PRO B 60 -6.31 -7.48 -15.35
CA PRO B 60 -7.06 -6.28 -15.71
C PRO B 60 -8.25 -6.14 -14.78
N ASP B 61 -8.78 -4.91 -14.65
CA ASP B 61 -9.83 -4.62 -13.68
C ASP B 61 -11.06 -5.49 -13.91
N SER B 62 -11.37 -5.77 -15.19
CA SER B 62 -12.52 -6.56 -15.58
C SER B 62 -12.60 -7.85 -14.78
N VAL B 63 -11.44 -8.35 -14.37
CA VAL B 63 -11.30 -9.70 -13.85
C VAL B 63 -10.65 -9.66 -12.47
N LYS B 64 -9.97 -8.54 -12.17
CA LYS B 64 -9.23 -8.37 -10.93
C LYS B 64 -10.15 -8.69 -9.75
N GLY B 65 -9.64 -9.48 -8.81
CA GLY B 65 -10.36 -9.83 -7.60
C GLY B 65 -11.21 -11.09 -7.74
N ARG B 66 -11.40 -11.56 -8.99
CA ARG B 66 -12.25 -12.71 -9.23
C ARG B 66 -11.40 -13.90 -9.69
N PHE B 67 -10.33 -13.61 -10.44
CA PHE B 67 -9.48 -14.63 -11.03
C PHE B 67 -8.12 -14.63 -10.33
N THR B 68 -7.58 -15.83 -10.11
CA THR B 68 -6.21 -15.98 -9.62
C THR B 68 -5.45 -16.91 -10.53
N ILE B 69 -4.35 -16.40 -11.09
CA ILE B 69 -3.41 -17.21 -11.82
C ILE B 69 -2.36 -17.76 -10.85
N SER B 70 -1.85 -18.95 -11.17
CA SER B 70 -0.83 -19.60 -10.37
C SER B 70 -0.12 -20.61 -11.25
N ARG B 71 1.05 -21.06 -10.79
CA ARG B 71 1.82 -22.03 -11.54
C ARG B 71 2.45 -22.99 -10.55
N GLU B 72 2.59 -24.26 -10.97
CA GLU B 72 3.37 -25.21 -10.20
C GLU B 72 4.53 -25.67 -11.06
N ASP B 73 5.66 -24.99 -10.90
CA ASP B 73 6.81 -25.11 -11.78
C ASP B 73 7.36 -26.53 -11.70
N ALA B 74 7.01 -27.26 -10.64
CA ALA B 74 7.52 -28.60 -10.46
C ALA B 74 6.63 -29.61 -11.18
N LYS B 75 5.41 -29.19 -11.51
CA LYS B 75 4.43 -30.02 -12.20
C LYS B 75 4.15 -29.46 -13.59
N ASN B 76 5.04 -28.60 -14.09
CA ASN B 76 4.90 -27.95 -15.39
C ASN B 76 3.45 -27.58 -15.65
N SER B 77 2.84 -26.86 -14.71
CA SER B 77 1.41 -26.63 -14.78
C SER B 77 1.11 -25.17 -14.48
N LEU B 78 0.05 -24.65 -15.12
CA LEU B 78 -0.43 -23.31 -14.90
C LEU B 78 -1.93 -23.40 -14.65
N TYR B 79 -2.47 -22.49 -13.82
CA TYR B 79 -3.84 -22.60 -13.36
C TYR B 79 -4.51 -21.23 -13.39
N LEU B 80 -5.81 -21.20 -13.72
CA LEU B 80 -6.63 -20.02 -13.56
C LEU B 80 -7.85 -20.36 -12.72
N GLN B 81 -7.89 -19.85 -11.49
CA GLN B 81 -8.99 -20.07 -10.58
C GLN B 81 -9.98 -18.92 -10.73
N MET B 82 -11.14 -19.20 -11.33
CA MET B 82 -12.13 -18.17 -11.61
C MET B 82 -13.28 -18.27 -10.62
N ASN B 83 -13.64 -17.12 -10.02
CA ASN B 83 -14.78 -17.04 -9.12
C ASN B 83 -15.81 -16.07 -9.69
N SER B 84 -17.00 -16.06 -9.07
CA SER B 84 -18.06 -15.10 -9.33
C SER B 84 -18.29 -14.91 -10.84
N LEU B 85 -18.19 -16.01 -11.59
CA LEU B 85 -18.25 -15.99 -13.05
C LEU B 85 -19.55 -15.32 -13.50
N ARG B 86 -19.41 -14.20 -14.21
CA ARG B 86 -20.53 -13.50 -14.81
C ARG B 86 -20.86 -14.16 -16.15
N ALA B 87 -21.97 -13.72 -16.76
CA ALA B 87 -22.42 -14.23 -18.05
C ALA B 87 -21.32 -14.04 -19.10
N GLY B 88 -20.82 -12.81 -19.19
CA GLY B 88 -19.92 -12.39 -20.25
C GLY B 88 -18.49 -12.91 -20.11
N ASP B 89 -18.26 -13.76 -19.11
CA ASP B 89 -16.97 -14.42 -18.92
C ASP B 89 -16.87 -15.61 -19.87
N THR B 90 -17.97 -15.88 -20.59
CA THR B 90 -18.07 -16.98 -21.55
C THR B 90 -17.16 -16.68 -22.73
N ALA B 91 -16.13 -17.52 -22.90
CA ALA B 91 -15.14 -17.33 -23.94
C ALA B 91 -14.37 -18.62 -24.15
N VAL B 92 -13.48 -18.62 -25.15
CA VAL B 92 -12.43 -19.61 -25.26
C VAL B 92 -11.22 -19.05 -24.52
N TYR B 93 -10.65 -19.88 -23.63
CA TYR B 93 -9.53 -19.45 -22.80
C TYR B 93 -8.25 -20.12 -23.29
N TYR B 94 -7.31 -19.29 -23.74
CA TYR B 94 -6.00 -19.75 -24.17
C TYR B 94 -4.97 -19.50 -23.08
N CYS B 95 -4.11 -20.50 -22.91
CA CYS B 95 -2.92 -20.40 -22.10
C CYS B 95 -1.77 -20.08 -23.06
N ALA B 96 -0.96 -19.06 -22.74
CA ALA B 96 0.05 -18.59 -23.67
C ALA B 96 1.37 -18.28 -22.96
N ARG B 97 2.47 -18.53 -23.68
CA ARG B 97 3.80 -18.23 -23.14
C ARG B 97 4.21 -16.83 -23.58
N GLY B 98 4.74 -16.07 -22.62
CA GLY B 98 5.24 -14.72 -22.89
C GLY B 98 6.76 -14.73 -23.04
N ASP B 99 7.26 -13.85 -23.89
CA ASP B 99 8.70 -13.73 -24.09
C ASP B 99 9.00 -12.36 -24.66
N SER B 100 10.24 -11.90 -24.43
CA SER B 100 10.68 -10.63 -24.96
C SER B 100 11.96 -10.86 -25.75
N SER B 101 12.02 -10.24 -26.93
CA SER B 101 13.26 -10.01 -27.62
C SER B 101 13.60 -8.54 -27.43
N GLY B 102 14.62 -8.27 -26.61
CA GLY B 102 14.91 -6.91 -26.19
C GLY B 102 13.85 -6.39 -25.21
N TYR B 103 13.39 -5.16 -25.43
CA TYR B 103 12.31 -4.61 -24.62
C TYR B 103 10.97 -5.07 -25.18
N TYR B 104 11.01 -5.91 -26.23
CA TYR B 104 9.83 -6.21 -27.01
C TYR B 104 9.22 -7.53 -26.55
N TYR B 105 7.98 -7.42 -26.05
CA TYR B 105 7.27 -8.55 -25.46
C TYR B 105 6.18 -9.03 -26.41
N TYR B 106 5.92 -10.34 -26.40
CA TYR B 106 4.96 -10.96 -27.31
C TYR B 106 4.61 -12.36 -26.83
N PHE B 107 3.42 -12.84 -27.21
CA PHE B 107 2.96 -14.18 -26.84
C PHE B 107 3.42 -15.18 -27.90
N ASP B 108 4.40 -16.00 -27.56
CA ASP B 108 5.15 -16.71 -28.58
C ASP B 108 4.64 -18.13 -28.80
N TYR B 109 3.83 -18.64 -27.85
CA TYR B 109 3.19 -19.95 -28.01
C TYR B 109 1.86 -19.97 -27.26
N TRP B 110 0.82 -20.46 -27.95
CA TRP B 110 -0.51 -20.57 -27.38
C TRP B 110 -0.92 -22.03 -27.28
N GLY B 111 -1.87 -22.30 -26.37
CA GLY B 111 -2.49 -23.61 -26.28
C GLY B 111 -3.48 -23.82 -27.42
N GLN B 112 -4.39 -24.79 -27.24
CA GLN B 112 -5.37 -25.08 -28.27
C GLN B 112 -6.69 -24.38 -27.94
N GLY B 113 -6.79 -23.86 -26.72
CA GLY B 113 -7.98 -23.19 -26.24
C GLY B 113 -8.90 -24.14 -25.49
N THR B 114 -9.66 -23.61 -24.53
CA THR B 114 -10.65 -24.37 -23.78
C THR B 114 -11.88 -23.51 -23.57
N LEU B 115 -13.05 -24.06 -23.89
CA LEU B 115 -14.26 -23.25 -23.93
C LEU B 115 -14.97 -23.29 -22.57
N LEU B 116 -15.17 -22.10 -21.99
CA LEU B 116 -15.97 -21.95 -20.79
C LEU B 116 -17.27 -21.25 -21.17
N THR B 117 -18.40 -21.79 -20.68
CA THR B 117 -19.72 -21.25 -20.91
C THR B 117 -20.41 -21.02 -19.57
N VAL B 118 -20.62 -19.75 -19.23
CA VAL B 118 -21.46 -19.39 -18.10
C VAL B 118 -22.90 -19.33 -18.58
N SER B 119 -23.76 -20.15 -17.98
CA SER B 119 -25.17 -20.21 -18.34
C SER B 119 -25.96 -20.89 -17.22
N SER B 120 -27.21 -20.42 -17.04
CA SER B 120 -28.15 -21.03 -16.11
C SER B 120 -28.78 -22.25 -16.76
N ALA B 121 -28.55 -22.41 -18.07
CA ALA B 121 -29.13 -23.47 -18.86
C ALA B 121 -28.49 -24.82 -18.49
N SER B 122 -29.33 -25.86 -18.44
CA SER B 122 -28.91 -27.22 -18.17
C SER B 122 -28.18 -27.81 -19.38
N THR B 123 -27.34 -28.80 -19.13
CA THR B 123 -26.68 -29.52 -20.21
C THR B 123 -27.64 -30.61 -20.73
N LYS B 124 -27.62 -30.82 -22.06
CA LYS B 124 -28.39 -31.89 -22.68
C LYS B 124 -27.51 -32.61 -23.70
N GLY B 125 -27.66 -33.94 -23.75
CA GLY B 125 -26.90 -34.79 -24.66
C GLY B 125 -27.53 -34.81 -26.06
N PRO B 126 -26.70 -34.79 -27.12
CA PRO B 126 -27.22 -34.77 -28.50
C PRO B 126 -27.73 -36.15 -28.95
N SER B 127 -28.73 -36.11 -29.82
CA SER B 127 -29.19 -37.27 -30.56
C SER B 127 -28.32 -37.43 -31.81
N VAL B 128 -27.84 -38.65 -32.06
CA VAL B 128 -26.98 -38.92 -33.21
C VAL B 128 -27.71 -39.88 -34.15
N PHE B 129 -27.90 -39.44 -35.40
CA PHE B 129 -28.63 -40.19 -36.41
C PHE B 129 -27.80 -40.24 -37.71
N PRO B 130 -27.71 -41.42 -38.38
CA PRO B 130 -26.88 -41.57 -39.57
C PRO B 130 -27.56 -41.10 -40.86
N LEU B 131 -26.84 -40.26 -41.60
CA LEU B 131 -27.24 -39.81 -42.93
C LEU B 131 -26.79 -40.85 -43.95
N ALA B 132 -27.74 -41.68 -44.40
CA ALA B 132 -27.48 -42.81 -45.27
C ALA B 132 -26.73 -42.37 -46.54
N CYS B 147 -24.02 -38.31 -40.89
CA CYS B 147 -24.27 -38.13 -39.43
C CYS B 147 -24.89 -36.75 -39.18
N LEU B 148 -26.01 -36.75 -38.43
CA LEU B 148 -26.58 -35.54 -37.87
C LEU B 148 -26.45 -35.57 -36.35
N VAL B 149 -25.99 -34.46 -35.77
CA VAL B 149 -25.84 -34.32 -34.33
C VAL B 149 -26.67 -33.12 -33.87
N LYS B 150 -27.74 -33.40 -33.12
CA LYS B 150 -28.82 -32.44 -32.92
C LYS B 150 -29.28 -32.40 -31.46
N ASP B 151 -29.59 -31.19 -31.00
CA ASP B 151 -30.23 -30.91 -29.72
C ASP B 151 -29.27 -31.16 -28.56
N TYR B 152 -28.24 -30.30 -28.43
CA TYR B 152 -27.25 -30.39 -27.36
C TYR B 152 -26.91 -29.01 -26.80
N PHE B 153 -26.51 -28.98 -25.52
CA PHE B 153 -26.03 -27.77 -24.87
C PHE B 153 -25.00 -28.13 -23.80
N PRO B 154 -23.92 -27.33 -23.62
CA PRO B 154 -23.54 -26.27 -24.56
C PRO B 154 -22.64 -26.80 -25.67
N GLU B 155 -21.88 -25.88 -26.29
CA GLU B 155 -20.84 -26.21 -27.25
C GLU B 155 -19.68 -26.86 -26.51
N PRO B 156 -18.74 -27.57 -27.19
CA PRO B 156 -18.94 -28.05 -28.56
C PRO B 156 -19.18 -29.55 -28.67
N VAL B 157 -19.46 -30.02 -29.89
CA VAL B 157 -19.40 -31.43 -30.22
C VAL B 157 -18.23 -31.65 -31.18
N THR B 158 -17.62 -32.84 -31.10
CA THR B 158 -16.52 -33.20 -31.98
C THR B 158 -16.92 -34.46 -32.77
N VAL B 159 -16.48 -34.51 -34.03
CA VAL B 159 -16.72 -35.67 -34.88
C VAL B 159 -15.39 -36.09 -35.52
N SER B 160 -15.13 -37.41 -35.45
CA SER B 160 -14.12 -38.08 -36.26
C SER B 160 -14.74 -39.38 -36.77
N TRP B 161 -14.05 -40.02 -37.72
CA TRP B 161 -14.57 -41.24 -38.34
C TRP B 161 -13.62 -42.41 -38.08
N ASN B 162 -14.20 -43.53 -37.62
CA ASN B 162 -13.51 -44.79 -37.40
C ASN B 162 -12.35 -44.63 -36.41
N SER B 163 -12.49 -43.69 -35.47
CA SER B 163 -11.51 -43.33 -34.45
C SER B 163 -10.55 -42.24 -34.95
N GLY B 164 -10.60 -41.95 -36.25
CA GLY B 164 -9.70 -40.99 -36.88
C GLY B 164 -8.90 -41.64 -38.01
N ALA B 165 -9.38 -42.80 -38.46
CA ALA B 165 -8.77 -43.57 -39.54
C ALA B 165 -9.10 -42.91 -40.88
N LEU B 166 -10.20 -42.15 -40.91
CA LEU B 166 -10.65 -41.44 -42.09
C LEU B 166 -10.98 -40.00 -41.72
N THR B 167 -10.03 -39.09 -42.00
CA THR B 167 -10.26 -37.66 -41.85
C THR B 167 -10.14 -37.00 -43.23
N SER B 168 -9.85 -37.83 -44.24
CA SER B 168 -9.66 -37.38 -45.61
C SER B 168 -11.01 -37.37 -46.34
N GLY B 169 -11.45 -36.16 -46.73
CA GLY B 169 -12.71 -35.95 -47.44
C GLY B 169 -13.86 -35.69 -46.48
N VAL B 170 -13.58 -34.95 -45.39
CA VAL B 170 -14.52 -34.78 -44.30
C VAL B 170 -14.75 -33.28 -44.06
N HIS B 171 -16.02 -32.87 -44.18
CA HIS B 171 -16.46 -31.50 -43.92
C HIS B 171 -17.43 -31.51 -42.75
N THR B 172 -17.00 -30.91 -41.63
CA THR B 172 -17.82 -30.76 -40.43
C THR B 172 -18.33 -29.32 -40.36
N PHE B 173 -19.65 -29.16 -40.22
CA PHE B 173 -20.30 -27.86 -40.27
C PHE B 173 -20.36 -27.24 -38.87
N PRO B 174 -20.16 -25.90 -38.75
CA PRO B 174 -20.31 -25.21 -37.46
C PRO B 174 -21.75 -25.23 -36.96
N ALA B 175 -21.90 -25.14 -35.63
CA ALA B 175 -23.19 -25.26 -34.98
C ALA B 175 -24.14 -24.16 -35.45
N VAL B 176 -25.44 -24.42 -35.28
CA VAL B 176 -26.47 -23.43 -35.55
C VAL B 176 -27.44 -23.38 -34.37
N LEU B 177 -27.34 -22.28 -33.60
CA LEU B 177 -28.22 -22.00 -32.47
C LEU B 177 -29.66 -21.94 -32.96
N GLN B 178 -30.51 -22.80 -32.37
CA GLN B 178 -31.88 -23.00 -32.80
C GLN B 178 -32.83 -22.07 -32.04
N SER B 179 -34.13 -22.26 -32.28
CA SER B 179 -35.18 -21.47 -31.66
C SER B 179 -35.46 -21.99 -30.24
N SER B 180 -35.09 -23.25 -29.98
CA SER B 180 -35.31 -23.86 -28.67
C SER B 180 -34.16 -23.52 -27.73
N GLY B 181 -33.03 -23.10 -28.31
CA GLY B 181 -31.86 -22.68 -27.55
C GLY B 181 -30.76 -23.74 -27.53
N LEU B 182 -31.00 -24.84 -28.25
CA LEU B 182 -30.05 -25.93 -28.38
C LEU B 182 -29.25 -25.76 -29.68
N TYR B 183 -28.34 -26.71 -29.94
CA TYR B 183 -27.45 -26.61 -31.10
C TYR B 183 -27.71 -27.75 -32.07
N SER B 184 -27.35 -27.51 -33.34
CA SER B 184 -27.45 -28.49 -34.41
C SER B 184 -26.16 -28.49 -35.23
N LEU B 185 -25.69 -29.68 -35.60
CA LEU B 185 -24.42 -29.85 -36.29
C LEU B 185 -24.51 -31.04 -37.25
N SER B 186 -23.86 -30.92 -38.40
CA SER B 186 -23.76 -32.00 -39.38
C SER B 186 -22.31 -32.28 -39.74
N SER B 187 -22.03 -33.55 -40.05
CA SER B 187 -20.71 -34.01 -40.49
C SER B 187 -20.88 -35.04 -41.60
N VAL B 188 -20.10 -34.89 -42.68
CA VAL B 188 -20.20 -35.75 -43.84
C VAL B 188 -18.80 -36.03 -44.40
N CYS B 203 -19.14 -42.77 -37.85
CA CYS B 203 -18.61 -41.53 -37.21
C CYS B 203 -18.74 -41.64 -35.69
N ASN B 204 -17.70 -41.18 -34.97
CA ASN B 204 -17.70 -41.14 -33.52
C ASN B 204 -18.01 -39.73 -33.05
N VAL B 205 -19.21 -39.54 -32.49
CA VAL B 205 -19.63 -38.26 -31.96
C VAL B 205 -19.33 -38.26 -30.46
N ASN B 206 -18.74 -37.16 -29.99
CA ASN B 206 -18.35 -37.06 -28.59
C ASN B 206 -18.73 -35.68 -28.05
N HIS B 207 -19.80 -35.64 -27.25
CA HIS B 207 -20.20 -34.46 -26.50
C HIS B 207 -19.68 -34.58 -25.06
N LYS B 208 -18.63 -33.82 -24.77
CA LYS B 208 -17.92 -33.91 -23.50
C LYS B 208 -18.74 -33.26 -22.38
N PRO B 209 -19.34 -32.07 -22.57
CA PRO B 209 -20.02 -31.36 -21.48
C PRO B 209 -21.18 -32.11 -20.84
N SER B 210 -21.60 -33.21 -21.46
CA SER B 210 -22.68 -34.02 -20.92
C SER B 210 -22.23 -35.47 -20.75
N ASN B 211 -21.04 -35.78 -21.29
CA ASN B 211 -20.56 -37.16 -21.43
C ASN B 211 -21.52 -37.95 -22.32
N THR B 212 -21.26 -37.93 -23.63
CA THR B 212 -21.97 -38.75 -24.59
C THR B 212 -20.97 -39.24 -25.65
N LYS B 213 -20.84 -40.58 -25.76
CA LYS B 213 -20.02 -41.20 -26.79
C LYS B 213 -20.91 -42.05 -27.67
N VAL B 214 -21.12 -41.62 -28.92
CA VAL B 214 -22.07 -42.27 -29.82
C VAL B 214 -21.37 -42.69 -31.11
N ASP B 215 -21.77 -43.84 -31.65
CA ASP B 215 -21.23 -44.38 -32.89
C ASP B 215 -22.37 -44.71 -33.87
N PRO C 7 18.84 -13.36 -2.80
CA PRO C 7 20.18 -13.06 -3.32
C PRO C 7 20.98 -12.14 -2.39
N ASN C 8 22.15 -12.62 -1.93
CA ASN C 8 22.97 -11.91 -0.96
C ASN C 8 23.90 -10.92 -1.68
N ILE C 9 23.41 -9.67 -1.81
CA ILE C 9 24.04 -8.62 -2.58
C ILE C 9 24.64 -7.58 -1.64
N THR C 10 25.65 -6.83 -2.13
CA THR C 10 26.36 -5.88 -1.30
C THR C 10 25.91 -4.43 -1.59
N ASN C 11 25.45 -4.15 -2.81
CA ASN C 11 25.07 -2.79 -3.15
C ASN C 11 23.72 -2.77 -3.86
N LEU C 12 22.65 -2.46 -3.12
CA LEU C 12 21.29 -2.74 -3.53
C LEU C 12 20.48 -1.45 -3.59
N CYS C 13 19.73 -1.27 -4.68
CA CYS C 13 19.06 0.00 -4.95
C CYS C 13 17.99 0.30 -3.89
N PRO C 14 17.90 1.56 -3.40
CA PRO C 14 16.95 1.93 -2.35
C PRO C 14 15.47 2.07 -2.72
N PHE C 15 14.88 1.04 -3.32
CA PHE C 15 13.46 1.07 -3.64
C PHE C 15 12.63 1.11 -2.36
N GLY C 16 13.14 0.44 -1.31
CA GLY C 16 12.54 0.48 0.01
C GLY C 16 12.33 1.91 0.50
N GLU C 17 13.35 2.75 0.35
CA GLU C 17 13.32 4.13 0.81
C GLU C 17 12.25 4.92 0.05
N VAL C 18 12.12 4.66 -1.25
CA VAL C 18 11.19 5.35 -2.13
C VAL C 18 9.75 4.98 -1.80
N PHE C 19 9.46 3.68 -1.66
CA PHE C 19 8.11 3.16 -1.53
C PHE C 19 7.60 3.25 -0.09
N ASN C 20 8.50 3.23 0.90
CA ASN C 20 8.13 3.14 2.30
C ASN C 20 8.37 4.45 3.05
N ALA C 21 8.58 5.55 2.31
CA ALA C 21 8.64 6.88 2.88
C ALA C 21 7.37 7.15 3.68
N THR C 22 7.52 7.81 4.84
CA THR C 22 6.39 8.17 5.66
C THR C 22 5.59 9.29 5.00
N ARG C 23 6.27 10.33 4.51
CA ARG C 23 5.54 11.39 3.82
C ARG C 23 5.89 11.43 2.33
N PHE C 24 4.96 11.99 1.54
CA PHE C 24 5.06 12.10 0.10
C PHE C 24 4.83 13.54 -0.30
N ALA C 25 5.43 13.95 -1.43
CA ALA C 25 5.35 15.32 -1.90
C ALA C 25 3.96 15.59 -2.47
N SER C 26 3.57 16.88 -2.45
CA SER C 26 2.45 17.36 -3.26
C SER C 26 2.82 17.19 -4.73
N VAL C 27 1.82 16.95 -5.57
CA VAL C 27 2.11 16.58 -6.95
C VAL C 27 2.81 17.71 -7.67
N TYR C 28 2.40 18.96 -7.42
CA TYR C 28 3.01 20.12 -8.07
C TYR C 28 4.51 20.15 -7.78
N ALA C 29 4.87 19.84 -6.52
CA ALA C 29 6.25 19.85 -6.10
C ALA C 29 6.74 18.41 -5.96
N TRP C 30 6.42 17.59 -6.98
CA TRP C 30 6.79 16.17 -6.97
C TRP C 30 8.26 16.00 -6.64
N ASN C 31 8.58 14.85 -6.03
CA ASN C 31 9.92 14.58 -5.53
C ASN C 31 10.57 13.54 -6.44
N ARG C 32 11.85 13.75 -6.74
CA ARG C 32 12.62 12.81 -7.54
C ARG C 32 13.84 12.34 -6.75
N LYS C 33 14.09 11.03 -6.79
CA LYS C 33 15.28 10.42 -6.26
C LYS C 33 16.00 9.68 -7.39
N ARG C 34 17.32 9.89 -7.51
CA ARG C 34 18.11 9.20 -8.51
C ARG C 34 18.58 7.87 -7.92
N ILE C 35 18.56 6.82 -8.73
CA ILE C 35 19.08 5.53 -8.33
C ILE C 35 20.21 5.19 -9.29
N SER C 36 21.41 4.87 -8.77
CA SER C 36 22.59 4.62 -9.56
C SER C 36 23.45 3.55 -8.90
N ASN C 37 24.28 2.89 -9.71
CA ASN C 37 25.39 2.07 -9.24
C ASN C 37 24.93 1.04 -8.20
N CYS C 38 23.80 0.40 -8.44
CA CYS C 38 23.29 -0.56 -7.48
C CYS C 38 22.52 -1.67 -8.19
N VAL C 39 22.41 -2.83 -7.53
CA VAL C 39 21.58 -3.91 -8.03
C VAL C 39 20.12 -3.59 -7.70
N ALA C 40 19.27 -3.53 -8.73
CA ALA C 40 17.87 -3.23 -8.51
C ALA C 40 17.09 -4.54 -8.38
N ASP C 41 16.64 -4.82 -7.15
CA ASP C 41 15.76 -5.95 -6.92
C ASP C 41 14.32 -5.46 -6.88
N TYR C 42 13.54 -5.84 -7.90
CA TYR C 42 12.16 -5.41 -8.03
C TYR C 42 11.20 -6.42 -7.38
N SER C 43 11.75 -7.47 -6.76
CA SER C 43 10.96 -8.46 -6.04
C SER C 43 10.14 -7.82 -4.91
N VAL C 44 10.66 -6.72 -4.35
CA VAL C 44 9.98 -6.03 -3.26
C VAL C 44 8.72 -5.32 -3.78
N LEU C 45 8.62 -5.13 -5.11
CA LEU C 45 7.44 -4.55 -5.72
C LEU C 45 6.42 -5.64 -6.04
N TYR C 46 6.90 -6.76 -6.60
CA TYR C 46 6.08 -7.92 -6.92
C TYR C 46 5.30 -8.39 -5.71
N ASN C 47 5.98 -8.43 -4.55
CA ASN C 47 5.49 -8.99 -3.30
C ASN C 47 4.48 -8.08 -2.60
N SER C 48 4.31 -6.85 -3.09
CA SER C 48 3.24 -5.96 -2.65
C SER C 48 1.88 -6.55 -3.04
N ALA C 49 0.97 -6.60 -2.07
CA ALA C 49 -0.42 -6.93 -2.32
C ALA C 49 -1.18 -5.65 -2.68
N SER C 50 -0.63 -4.50 -2.25
CA SER C 50 -1.42 -3.30 -2.06
C SER C 50 -1.45 -2.38 -3.28
N PHE C 51 -0.83 -2.80 -4.39
CA PHE C 51 -0.70 -1.91 -5.53
C PHE C 51 -2.00 -1.89 -6.33
N SER C 52 -2.62 -0.72 -6.43
CA SER C 52 -3.85 -0.54 -7.18
C SER C 52 -3.54 -0.44 -8.68
N THR C 53 -2.39 0.15 -9.00
CA THR C 53 -1.95 0.38 -10.36
C THR C 53 -0.48 -0.04 -10.45
N PHE C 54 -0.16 -0.86 -11.45
CA PHE C 54 1.22 -1.24 -11.72
C PHE C 54 1.40 -1.47 -13.21
N LYS C 55 1.55 -0.38 -13.96
CA LYS C 55 1.74 -0.47 -15.40
C LYS C 55 3.19 -0.12 -15.73
N CYS C 56 3.76 -0.81 -16.72
CA CYS C 56 5.03 -0.38 -17.26
C CYS C 56 4.86 -0.02 -18.73
N TYR C 57 5.77 0.82 -19.22
CA TYR C 57 5.74 1.34 -20.58
C TYR C 57 7.09 1.10 -21.22
N GLY C 58 7.10 0.21 -22.22
CA GLY C 58 8.30 -0.06 -23.00
C GLY C 58 9.10 -1.25 -22.48
N VAL C 59 8.68 -1.76 -21.31
CA VAL C 59 9.24 -2.96 -20.70
C VAL C 59 8.11 -3.72 -20.04
N SER C 60 8.24 -5.06 -19.99
CA SER C 60 7.32 -5.86 -19.21
C SER C 60 7.70 -5.80 -17.74
N PRO C 61 6.73 -5.56 -16.82
CA PRO C 61 6.98 -5.63 -15.38
C PRO C 61 7.65 -6.95 -14.98
N THR C 62 7.31 -8.02 -15.70
CA THR C 62 7.81 -9.34 -15.37
C THR C 62 9.28 -9.49 -15.78
N LYS C 63 9.88 -8.44 -16.34
CA LYS C 63 11.20 -8.58 -16.94
C LYS C 63 12.20 -7.60 -16.33
N LEU C 64 11.75 -6.79 -15.37
CA LEU C 64 12.55 -5.71 -14.81
C LEU C 64 13.83 -6.25 -14.19
N ASN C 65 13.80 -7.47 -13.65
CA ASN C 65 14.95 -8.01 -12.95
C ASN C 65 15.99 -8.50 -13.95
N ASP C 66 15.71 -8.33 -15.24
CA ASP C 66 16.59 -8.83 -16.27
C ASP C 66 17.33 -7.67 -16.92
N LEU C 67 16.89 -6.45 -16.61
CA LEU C 67 17.31 -5.30 -17.40
C LEU C 67 18.31 -4.45 -16.65
N CYS C 68 19.19 -3.80 -17.43
CA CYS C 68 20.16 -2.82 -16.95
C CYS C 68 19.81 -1.44 -17.49
N PHE C 69 20.09 -0.42 -16.69
CA PHE C 69 19.88 0.96 -17.11
C PHE C 69 21.05 1.82 -16.65
N THR C 70 21.13 3.03 -17.21
CA THR C 70 22.18 3.96 -16.85
C THR C 70 21.81 4.58 -15.50
N ASN C 71 20.54 4.97 -15.38
CA ASN C 71 20.01 5.50 -14.13
C ASN C 71 18.56 5.09 -14.04
N VAL C 72 18.04 4.97 -12.82
CA VAL C 72 16.61 4.96 -12.62
C VAL C 72 16.24 6.20 -11.84
N TYR C 73 15.07 6.77 -12.13
CA TYR C 73 14.59 7.94 -11.41
C TYR C 73 13.25 7.60 -10.77
N ALA C 74 13.17 7.80 -9.46
CA ALA C 74 11.97 7.52 -8.69
C ALA C 74 11.28 8.83 -8.33
N ASP C 75 10.27 9.19 -9.13
CA ASP C 75 9.44 10.35 -8.86
C ASP C 75 8.24 9.88 -8.03
N SER C 76 7.85 10.66 -7.02
CA SER C 76 6.77 10.28 -6.13
C SER C 76 5.93 11.50 -5.74
N PHE C 77 4.64 11.27 -5.49
CA PHE C 77 3.71 12.32 -5.14
C PHE C 77 2.35 11.72 -4.78
N VAL C 78 1.41 12.58 -4.39
CA VAL C 78 0.05 12.19 -4.03
C VAL C 78 -0.93 12.94 -4.92
N ILE C 79 -1.90 12.22 -5.49
CA ILE C 79 -2.99 12.78 -6.28
C ILE C 79 -4.29 12.06 -5.90
N ARG C 80 -5.39 12.43 -6.58
CA ARG C 80 -6.67 11.76 -6.43
C ARG C 80 -6.62 10.42 -7.15
N GLY C 81 -7.47 9.48 -6.72
CA GLY C 81 -7.67 8.22 -7.42
C GLY C 81 -8.02 8.44 -8.88
N ASP C 82 -8.93 9.39 -9.12
CA ASP C 82 -9.42 9.76 -10.44
C ASP C 82 -8.29 10.22 -11.35
N GLU C 83 -7.11 10.51 -10.77
CA GLU C 83 -6.07 11.23 -11.50
C GLU C 83 -4.92 10.31 -11.89
N VAL C 84 -4.86 9.11 -11.30
CA VAL C 84 -3.77 8.18 -11.57
C VAL C 84 -3.73 7.90 -13.08
N ARG C 85 -4.92 7.87 -13.67
CA ARG C 85 -5.17 7.71 -15.10
C ARG C 85 -4.25 8.62 -15.92
N GLN C 86 -3.84 9.76 -15.34
CA GLN C 86 -3.12 10.79 -16.06
C GLN C 86 -1.61 10.61 -15.89
N ILE C 87 -1.19 9.66 -15.05
CA ILE C 87 0.22 9.34 -14.96
C ILE C 87 0.53 8.25 -15.97
N ALA C 88 0.59 8.69 -17.23
CA ALA C 88 0.76 7.82 -18.38
C ALA C 88 1.17 8.64 -19.60
N PRO C 89 1.98 8.06 -20.52
CA PRO C 89 2.29 8.73 -21.78
C PRO C 89 1.03 9.23 -22.46
N GLY C 90 1.04 10.51 -22.84
CA GLY C 90 0.05 11.09 -23.73
C GLY C 90 -1.32 11.24 -23.08
N GLN C 91 -1.34 11.78 -21.85
CA GLN C 91 -2.60 12.05 -21.19
C GLN C 91 -2.79 13.56 -21.05
N THR C 92 -4.06 13.97 -20.90
CA THR C 92 -4.40 15.33 -20.55
C THR C 92 -5.27 15.35 -19.29
N GLY C 93 -5.33 16.52 -18.65
CA GLY C 93 -5.98 16.72 -17.37
C GLY C 93 -5.13 17.67 -16.52
N LYS C 94 -5.73 18.22 -15.45
CA LYS C 94 -5.03 19.21 -14.62
C LYS C 94 -3.65 18.70 -14.22
N ILE C 95 -3.55 17.39 -13.91
CA ILE C 95 -2.33 16.82 -13.38
C ILE C 95 -1.30 16.68 -14.50
N ALA C 96 -1.69 15.99 -15.57
CA ALA C 96 -0.81 15.74 -16.70
C ALA C 96 -0.35 17.06 -17.33
N ASP C 97 -1.23 18.07 -17.30
CA ASP C 97 -1.01 19.30 -18.04
C ASP C 97 -0.15 20.26 -17.23
N TYR C 98 -0.42 20.36 -15.93
CA TYR C 98 0.12 21.44 -15.10
C TYR C 98 0.91 20.91 -13.90
N ASN C 99 0.98 19.59 -13.73
CA ASN C 99 1.57 19.05 -12.52
C ASN C 99 2.74 18.12 -12.82
N TYR C 100 2.46 17.02 -13.54
CA TYR C 100 3.46 16.00 -13.84
C TYR C 100 3.13 15.36 -15.19
N LYS C 101 3.98 15.63 -16.19
CA LYS C 101 3.81 15.10 -17.54
C LYS C 101 4.92 14.08 -17.83
N LEU C 102 4.54 12.94 -18.42
CA LEU C 102 5.46 11.95 -18.93
C LEU C 102 5.64 12.15 -20.43
N PRO C 103 6.79 11.77 -21.03
CA PRO C 103 6.97 11.85 -22.49
C PRO C 103 6.14 10.83 -23.26
N ASP C 104 5.76 11.19 -24.50
CA ASP C 104 4.94 10.33 -25.34
C ASP C 104 5.63 8.99 -25.56
N ASP C 105 6.94 8.94 -25.32
CA ASP C 105 7.74 7.75 -25.59
C ASP C 105 8.40 7.29 -24.30
N PHE C 106 7.65 7.40 -23.19
CA PHE C 106 8.14 7.13 -21.85
C PHE C 106 8.56 5.67 -21.71
N THR C 107 9.65 5.45 -20.95
CA THR C 107 10.05 4.11 -20.56
C THR C 107 10.21 4.07 -19.04
N GLY C 108 9.31 3.31 -18.40
CA GLY C 108 9.32 3.14 -16.96
C GLY C 108 8.05 2.46 -16.47
N CYS C 109 7.85 2.50 -15.15
CA CYS C 109 6.63 1.97 -14.58
C CYS C 109 5.94 3.07 -13.79
N VAL C 110 4.62 2.95 -13.67
CA VAL C 110 3.84 3.80 -12.81
C VAL C 110 3.16 2.90 -11.78
N ILE C 111 3.48 3.12 -10.50
CA ILE C 111 2.92 2.35 -9.41
C ILE C 111 2.14 3.29 -8.51
N ALA C 112 0.91 2.90 -8.15
CA ALA C 112 0.09 3.72 -7.28
C ALA C 112 -0.69 2.84 -6.31
N TRP C 113 -0.96 3.37 -5.12
CA TRP C 113 -1.73 2.67 -4.12
C TRP C 113 -2.59 3.66 -3.33
N ASN C 114 -3.76 3.17 -2.88
CA ASN C 114 -4.68 3.98 -2.12
C ASN C 114 -4.01 4.32 -0.79
N SER C 115 -3.93 5.61 -0.48
CA SER C 115 -3.30 6.05 0.75
C SER C 115 -4.27 6.85 1.60
N ASN C 116 -5.55 6.44 1.59
CA ASN C 116 -6.58 7.09 2.38
C ASN C 116 -6.17 7.05 3.84
N ASN C 117 -5.61 5.90 4.25
CA ASN C 117 -5.27 5.61 5.63
C ASN C 117 -4.24 6.59 6.18
N LEU C 118 -3.31 7.04 5.33
CA LEU C 118 -2.20 7.84 5.80
C LEU C 118 -2.44 9.33 5.51
N ASP C 119 -3.28 9.62 4.50
CA ASP C 119 -3.19 10.93 3.87
C ASP C 119 -4.48 11.73 3.98
N SER C 120 -5.53 11.13 4.54
CA SER C 120 -6.74 11.91 4.75
C SER C 120 -6.91 12.20 6.24
N LYS C 121 -7.41 13.39 6.54
CA LYS C 121 -7.67 13.79 7.91
C LYS C 121 -9.13 14.23 8.01
N VAL C 122 -9.76 13.95 9.16
CA VAL C 122 -11.17 14.26 9.37
C VAL C 122 -11.34 15.78 9.26
N GLY C 123 -12.35 16.19 8.49
CA GLY C 123 -12.53 17.58 8.13
C GLY C 123 -11.43 18.08 7.19
N GLY C 124 -10.98 17.19 6.29
CA GLY C 124 -10.06 17.54 5.21
C GLY C 124 -8.60 17.52 5.66
N ASN C 125 -7.72 17.07 4.74
CA ASN C 125 -6.28 17.26 4.88
C ASN C 125 -5.84 18.23 3.78
N TYR C 126 -5.55 19.47 4.18
CA TYR C 126 -5.31 20.52 3.20
C TYR C 126 -3.81 20.65 2.92
N ASN C 127 -3.06 19.59 3.27
CA ASN C 127 -1.61 19.58 3.16
C ASN C 127 -1.20 19.37 1.70
N TYR C 128 -2.04 18.67 0.94
CA TYR C 128 -1.68 18.23 -0.40
C TYR C 128 -2.19 19.23 -1.44
N LEU C 129 -1.28 19.67 -2.32
CA LEU C 129 -1.59 20.69 -3.31
C LEU C 129 -1.34 20.15 -4.72
N TYR C 130 -2.03 20.77 -5.69
CA TYR C 130 -1.81 20.58 -7.11
C TYR C 130 -1.99 21.93 -7.80
N ARG C 131 -1.38 22.07 -8.99
CA ARG C 131 -1.46 23.30 -9.75
C ARG C 131 -2.76 23.31 -10.56
N LEU C 132 -3.46 24.45 -10.49
CA LEU C 132 -4.81 24.56 -11.04
C LEU C 132 -4.79 25.44 -12.29
N PHE C 133 -3.79 26.34 -12.36
CA PHE C 133 -3.67 27.28 -13.45
C PHE C 133 -2.21 27.39 -13.89
N ARG C 134 -2.02 27.53 -15.21
CA ARG C 134 -0.72 27.77 -15.82
C ARG C 134 -0.94 28.31 -17.23
N LYS C 135 -0.02 29.16 -17.69
CA LYS C 135 -0.11 29.84 -18.97
C LYS C 135 0.08 28.87 -20.12
N SER C 136 0.88 27.82 -19.88
CA SER C 136 1.07 26.74 -20.84
C SER C 136 1.09 25.40 -20.11
N ASN C 137 1.31 24.32 -20.86
CA ASN C 137 1.44 22.99 -20.31
C ASN C 137 2.90 22.74 -19.95
N LEU C 138 3.16 21.67 -19.19
CA LEU C 138 4.53 21.31 -18.84
C LEU C 138 5.12 20.44 -19.95
N LYS C 139 6.38 20.69 -20.28
CA LYS C 139 7.21 19.73 -21.02
C LYS C 139 7.40 18.50 -20.14
N PRO C 140 7.72 17.31 -20.69
CA PRO C 140 7.92 16.11 -19.88
C PRO C 140 9.01 16.33 -18.83
N PHE C 141 8.71 15.91 -17.59
CA PHE C 141 9.60 15.91 -16.45
C PHE C 141 9.94 17.34 -16.00
N GLU C 142 9.15 18.32 -16.49
CA GLU C 142 9.22 19.68 -16.00
C GLU C 142 8.56 19.72 -14.62
N ARG C 143 9.04 20.62 -13.76
CA ARG C 143 8.48 20.86 -12.45
C ARG C 143 8.29 22.37 -12.26
N ASP C 144 7.10 22.76 -11.81
CA ASP C 144 6.80 24.16 -11.57
C ASP C 144 6.32 24.32 -10.13
N ILE C 145 7.12 25.03 -9.33
CA ILE C 145 6.83 25.21 -7.91
C ILE C 145 6.49 26.67 -7.61
N SER C 146 6.60 27.54 -8.62
CA SER C 146 6.33 28.96 -8.43
C SER C 146 4.91 29.15 -7.90
N THR C 147 4.69 30.27 -7.19
CA THR C 147 3.39 30.59 -6.64
C THR C 147 2.97 31.98 -7.08
N GLU C 148 3.36 32.36 -8.32
CA GLU C 148 2.94 33.61 -8.92
C GLU C 148 1.45 33.55 -9.19
N ILE C 149 0.73 34.56 -8.69
CA ILE C 149 -0.69 34.71 -8.91
C ILE C 149 -0.94 34.61 -10.42
N TYR C 150 -1.80 33.67 -10.82
CA TYR C 150 -2.06 33.42 -12.23
C TYR C 150 -2.79 34.62 -12.84
N GLN C 151 -2.27 35.07 -14.00
CA GLN C 151 -2.87 36.18 -14.71
C GLN C 151 -3.75 35.63 -15.82
N ALA C 152 -5.07 35.84 -15.68
CA ALA C 152 -6.04 35.38 -16.66
C ALA C 152 -6.28 36.46 -17.70
N GLY C 153 -6.65 37.66 -17.23
CA GLY C 153 -6.95 38.78 -18.11
C GLY C 153 -5.68 39.44 -18.63
N SER C 154 -5.87 40.51 -19.43
CA SER C 154 -4.76 41.30 -19.94
C SER C 154 -4.29 42.28 -18.86
N THR C 155 -4.95 42.24 -17.70
CA THR C 155 -4.64 43.14 -16.59
C THR C 155 -3.67 42.47 -15.62
N PRO C 156 -2.58 43.17 -15.20
CA PRO C 156 -1.61 42.62 -14.24
C PRO C 156 -2.24 42.46 -12.86
N CYS C 157 -1.69 41.51 -12.08
CA CYS C 157 -2.34 41.09 -10.85
C CYS C 157 -1.71 41.75 -9.62
N ASN C 158 -0.44 42.18 -9.77
CA ASN C 158 0.25 42.99 -8.77
C ASN C 158 0.40 42.22 -7.46
N GLY C 159 0.51 40.90 -7.55
CA GLY C 159 0.82 40.07 -6.40
C GLY C 159 -0.39 39.76 -5.51
N VAL C 160 -1.53 40.42 -5.78
CA VAL C 160 -2.73 40.18 -5.01
C VAL C 160 -3.73 39.37 -5.82
N GLU C 161 -4.79 38.89 -5.15
CA GLU C 161 -5.85 38.11 -5.76
C GLU C 161 -7.00 39.04 -6.16
N GLY C 162 -7.94 38.50 -6.94
CA GLY C 162 -9.12 39.24 -7.35
C GLY C 162 -9.79 38.62 -8.58
N PHE C 163 -10.42 39.48 -9.38
CA PHE C 163 -11.07 39.07 -10.62
C PHE C 163 -10.01 38.81 -11.68
N ASN C 164 -10.03 37.59 -12.23
CA ASN C 164 -9.08 37.15 -13.25
C ASN C 164 -7.67 37.06 -12.67
N CYS C 165 -7.57 37.07 -11.33
CA CYS C 165 -6.31 36.98 -10.63
C CYS C 165 -6.41 35.95 -9.50
N TYR C 166 -6.05 34.70 -9.80
CA TYR C 166 -6.24 33.59 -8.87
C TYR C 166 -4.89 32.98 -8.49
N PHE C 167 -4.82 32.48 -7.25
CA PHE C 167 -3.64 31.80 -6.75
C PHE C 167 -3.52 30.44 -7.42
N PRO C 168 -2.35 30.08 -8.00
CA PRO C 168 -2.23 28.92 -8.89
C PRO C 168 -2.29 27.52 -8.25
N LEU C 169 -2.31 27.44 -6.92
CA LEU C 169 -2.32 26.15 -6.24
C LEU C 169 -3.62 25.94 -5.47
N GLN C 170 -4.15 24.72 -5.57
CA GLN C 170 -5.35 24.31 -4.85
C GLN C 170 -5.00 23.11 -3.96
N SER C 171 -5.67 23.04 -2.80
CA SER C 171 -5.55 21.91 -1.89
C SER C 171 -6.60 20.86 -2.27
N TYR C 172 -6.18 19.59 -2.27
CA TYR C 172 -7.12 18.49 -2.33
C TYR C 172 -7.93 18.47 -1.04
N GLY C 173 -9.15 17.92 -1.12
CA GLY C 173 -9.96 17.74 0.07
C GLY C 173 -9.33 16.72 1.01
N PHE C 174 -9.50 15.45 0.65
CA PHE C 174 -9.02 14.30 1.41
C PHE C 174 -9.71 14.27 2.78
N GLN C 175 -11.02 14.00 2.75
CA GLN C 175 -11.75 13.44 3.88
C GLN C 175 -11.65 11.93 3.80
N PRO C 176 -11.64 11.22 4.95
CA PRO C 176 -11.66 9.76 4.94
C PRO C 176 -12.90 9.16 4.28
N THR C 177 -13.95 9.98 4.14
CA THR C 177 -15.27 9.51 3.75
C THR C 177 -15.54 9.73 2.25
N ASN C 178 -14.60 10.37 1.55
CA ASN C 178 -14.70 10.58 0.13
C ASN C 178 -14.77 9.23 -0.58
N GLY C 179 -15.52 9.19 -1.69
CA GLY C 179 -15.52 8.05 -2.60
C GLY C 179 -14.12 7.83 -3.17
N VAL C 180 -13.83 6.58 -3.54
CA VAL C 180 -12.50 6.15 -3.95
C VAL C 180 -11.89 7.21 -4.87
N GLY C 181 -12.71 7.72 -5.80
CA GLY C 181 -12.26 8.65 -6.82
C GLY C 181 -11.59 9.90 -6.24
N TYR C 182 -11.98 10.28 -5.03
CA TYR C 182 -11.51 11.52 -4.44
C TYR C 182 -10.56 11.25 -3.28
N GLN C 183 -10.28 9.96 -3.02
CA GLN C 183 -9.34 9.55 -1.98
C GLN C 183 -7.92 9.74 -2.47
N PRO C 184 -6.93 9.97 -1.56
CA PRO C 184 -5.55 10.19 -1.97
C PRO C 184 -4.84 8.89 -2.35
N TYR C 185 -4.07 8.94 -3.44
CA TYR C 185 -3.26 7.82 -3.85
C TYR C 185 -1.80 8.24 -3.89
N ARG C 186 -0.92 7.39 -3.35
CA ARG C 186 0.50 7.65 -3.43
C ARG C 186 1.03 7.04 -4.73
N VAL C 187 1.79 7.83 -5.49
CA VAL C 187 2.27 7.39 -6.78
C VAL C 187 3.80 7.38 -6.80
N VAL C 188 4.38 6.30 -7.32
CA VAL C 188 5.79 6.19 -7.64
C VAL C 188 5.92 5.96 -9.14
N VAL C 189 6.76 6.78 -9.80
CA VAL C 189 7.05 6.64 -11.21
C VAL C 189 8.54 6.33 -11.36
N LEU C 190 8.85 5.04 -11.59
CA LEU C 190 10.19 4.65 -11.97
C LEU C 190 10.39 4.94 -13.45
N SER C 191 11.32 5.84 -13.78
CA SER C 191 11.68 6.07 -15.17
C SER C 191 13.09 5.54 -15.43
N PHE C 192 13.17 4.57 -16.34
CA PHE C 192 14.44 3.97 -16.74
C PHE C 192 15.08 4.80 -17.85
N GLU C 193 16.35 5.13 -17.63
CA GLU C 193 17.10 6.02 -18.48
C GLU C 193 18.26 5.24 -19.09
N LEU C 194 18.40 5.35 -20.41
CA LEU C 194 19.38 4.57 -21.12
C LEU C 194 20.20 5.48 -22.03
N LEU C 195 21.39 5.87 -21.55
CA LEU C 195 22.30 6.68 -22.33
C LEU C 195 23.35 5.75 -22.94
N HIS C 196 24.31 6.34 -23.67
CA HIS C 196 25.39 5.58 -24.26
C HIS C 196 26.57 5.59 -23.29
N ALA C 197 26.32 5.05 -22.11
CA ALA C 197 27.30 4.97 -21.04
C ALA C 197 27.21 3.58 -20.43
N PRO C 198 28.14 3.16 -19.54
CA PRO C 198 27.97 1.89 -18.84
C PRO C 198 26.65 1.88 -18.08
N ALA C 199 26.04 0.70 -17.96
CA ALA C 199 24.83 0.54 -17.15
C ALA C 199 25.23 0.51 -15.69
N THR C 200 24.53 1.27 -14.85
CA THR C 200 24.88 1.29 -13.44
C THR C 200 23.82 0.59 -12.60
N VAL C 201 22.62 0.38 -13.18
CA VAL C 201 21.51 -0.20 -12.44
C VAL C 201 21.07 -1.48 -13.13
N CYS C 202 21.37 -2.62 -12.51
CA CYS C 202 21.04 -3.91 -13.11
C CYS C 202 20.23 -4.77 -12.15
N GLY C 203 19.20 -5.42 -12.70
CA GLY C 203 18.53 -6.51 -12.02
C GLY C 203 19.50 -7.59 -11.59
N PRO C 204 19.10 -8.50 -10.67
CA PRO C 204 19.92 -9.67 -10.34
C PRO C 204 20.06 -10.78 -11.39
N LYS C 205 19.25 -10.71 -12.46
CA LYS C 205 19.29 -11.74 -13.49
C LYS C 205 20.19 -11.32 -14.67
N GLU D 1 10.31 17.02 23.43
CA GLU D 1 9.99 16.01 22.37
C GLU D 1 8.60 15.44 22.63
N ILE D 2 8.30 14.32 21.96
CA ILE D 2 7.07 13.57 22.19
C ILE D 2 7.35 12.51 23.25
N VAL D 3 6.50 12.46 24.29
CA VAL D 3 6.62 11.44 25.31
C VAL D 3 5.51 10.41 25.11
N LEU D 4 5.89 9.12 25.17
CA LEU D 4 4.91 8.04 25.15
C LEU D 4 4.83 7.44 26.55
N THR D 5 3.60 7.29 27.07
CA THR D 5 3.36 6.73 28.40
C THR D 5 2.47 5.48 28.30
N GLN D 6 3.03 4.32 28.67
CA GLN D 6 2.25 3.09 28.66
C GLN D 6 1.66 2.83 30.05
N SER D 7 0.36 2.55 30.09
CA SER D 7 -0.34 2.21 31.33
C SER D 7 -1.15 0.93 31.13
N PRO D 8 -1.19 -0.01 32.10
CA PRO D 8 -0.37 0.08 33.31
C PRO D 8 1.04 -0.44 33.08
N GLY D 9 1.94 -0.15 34.02
CA GLY D 9 3.30 -0.67 33.95
C GLY D 9 3.33 -2.19 34.09
N THR D 10 2.33 -2.75 34.78
CA THR D 10 2.14 -4.19 34.83
C THR D 10 0.65 -4.51 34.64
N LEU D 11 0.40 -5.40 33.68
CA LEU D 11 -0.92 -5.86 33.29
C LEU D 11 -0.99 -7.35 33.57
N SER D 12 -1.91 -7.75 34.46
CA SER D 12 -1.94 -9.13 34.92
C SER D 12 -3.12 -9.85 34.30
N LEU D 13 -2.84 -10.83 33.44
CA LEU D 13 -3.88 -11.55 32.73
C LEU D 13 -3.58 -13.06 32.72
N SER D 14 -4.65 -13.87 32.72
CA SER D 14 -4.56 -15.30 32.62
C SER D 14 -4.21 -15.68 31.18
N PRO D 15 -3.47 -16.78 30.95
CA PRO D 15 -3.28 -17.32 29.60
C PRO D 15 -4.63 -17.51 28.91
N GLY D 16 -4.65 -17.31 27.58
CA GLY D 16 -5.88 -17.44 26.82
C GLY D 16 -6.63 -16.13 26.66
N GLU D 17 -6.42 -15.21 27.62
CA GLU D 17 -7.13 -13.93 27.63
C GLU D 17 -6.58 -13.00 26.55
N ARG D 18 -7.41 -12.01 26.19
CA ARG D 18 -7.06 -10.93 25.29
C ARG D 18 -6.36 -9.82 26.08
N ALA D 19 -5.17 -9.44 25.62
CA ALA D 19 -4.40 -8.37 26.23
C ALA D 19 -4.54 -7.11 25.36
N THR D 20 -4.72 -5.96 26.02
CA THR D 20 -4.94 -4.70 25.32
C THR D 20 -4.04 -3.63 25.92
N LEU D 21 -2.83 -3.53 25.38
CA LEU D 21 -1.80 -2.64 25.90
C LEU D 21 -2.00 -1.25 25.28
N SER D 22 -1.78 -0.23 26.09
CA SER D 22 -2.03 1.14 25.69
C SER D 22 -0.73 1.93 25.60
N CYS D 23 -0.72 2.92 24.69
CA CYS D 23 0.40 3.83 24.46
C CYS D 23 -0.16 5.21 24.17
N ARG D 24 0.19 6.20 25.01
CA ARG D 24 -0.41 7.52 24.90
C ARG D 24 0.67 8.55 24.56
N ALA D 25 0.46 9.28 23.47
CA ALA D 25 1.45 10.24 22.97
C ALA D 25 1.15 11.63 23.50
N SER D 26 2.21 12.32 23.95
CA SER D 26 2.12 13.63 24.59
C SER D 26 1.55 14.67 23.62
N GLN D 27 1.42 14.27 22.35
CA GLN D 27 0.82 15.08 21.29
C GLN D 27 0.58 14.17 20.09
N THR D 28 -0.14 14.70 19.08
CA THR D 28 -0.53 13.91 17.94
C THR D 28 0.70 13.38 17.19
N VAL D 29 0.73 12.05 17.06
CA VAL D 29 1.79 11.34 16.37
C VAL D 29 1.19 10.76 15.09
N SER D 30 2.02 10.67 14.04
CA SER D 30 1.60 10.02 12.81
C SER D 30 1.53 8.51 13.01
N SER D 31 0.46 7.90 12.47
CA SER D 31 0.22 6.47 12.63
C SER D 31 1.28 5.65 11.91
N THR D 32 2.01 6.27 10.98
CA THR D 32 3.03 5.56 10.24
C THR D 32 4.26 5.34 11.12
N SER D 33 4.32 6.05 12.24
CA SER D 33 5.58 6.18 12.96
C SER D 33 5.66 5.24 14.14
N LEU D 34 4.52 4.70 14.57
CA LEU D 34 4.46 4.00 15.84
C LEU D 34 4.76 2.51 15.68
N ALA D 35 5.78 2.04 16.40
CA ALA D 35 6.17 0.64 16.39
C ALA D 35 5.91 0.02 17.76
N TRP D 36 5.86 -1.32 17.81
CA TRP D 36 5.77 -2.07 19.07
C TRP D 36 6.88 -3.11 19.13
N TYR D 37 7.50 -3.25 20.31
CA TYR D 37 8.54 -4.24 20.53
C TYR D 37 8.19 -5.11 21.73
N GLN D 38 8.64 -6.37 21.67
CA GLN D 38 8.49 -7.33 22.75
C GLN D 38 9.87 -7.71 23.28
N GLN D 39 10.00 -7.71 24.61
CA GLN D 39 11.26 -8.10 25.25
C GLN D 39 10.99 -9.13 26.34
N LYS D 40 11.44 -10.37 26.12
CA LYS D 40 11.41 -11.37 27.17
C LYS D 40 12.61 -11.08 28.10
N PRO D 41 12.63 -11.52 29.38
CA PRO D 41 13.74 -11.20 30.27
C PRO D 41 15.07 -11.72 29.73
N GLY D 42 16.12 -10.89 29.90
CA GLY D 42 17.48 -11.23 29.51
C GLY D 42 17.57 -11.64 28.04
N GLN D 43 16.95 -10.81 27.18
CA GLN D 43 16.81 -11.10 25.77
C GLN D 43 16.69 -9.76 25.04
N ALA D 44 17.21 -9.72 23.81
CA ALA D 44 17.09 -8.56 22.96
C ALA D 44 15.61 -8.25 22.75
N PRO D 45 15.20 -6.98 22.61
CA PRO D 45 13.84 -6.68 22.16
C PRO D 45 13.67 -7.24 20.74
N ARG D 46 12.41 -7.36 20.31
CA ARG D 46 12.13 -7.84 18.97
C ARG D 46 10.89 -7.13 18.45
N LEU D 47 10.93 -6.75 17.17
CA LEU D 47 9.91 -5.92 16.55
C LEU D 47 8.65 -6.75 16.30
N LEU D 48 7.50 -6.19 16.69
CA LEU D 48 6.18 -6.81 16.59
C LEU D 48 5.39 -6.15 15.47
N ILE D 49 5.29 -4.82 15.55
CA ILE D 49 4.37 -4.03 14.75
C ILE D 49 5.07 -2.73 14.37
N TYR D 50 4.94 -2.32 13.12
CA TYR D 50 5.40 -1.01 12.67
C TYR D 50 4.25 -0.32 11.95
N GLY D 51 4.42 0.98 11.66
CA GLY D 51 3.38 1.76 11.00
C GLY D 51 2.01 1.55 11.64
N ALA D 52 2.02 1.39 12.97
CA ALA D 52 0.83 1.31 13.81
C ALA D 52 0.18 -0.07 13.72
N SER D 53 0.12 -0.64 12.52
CA SER D 53 -0.80 -1.74 12.28
C SER D 53 -0.14 -2.88 11.50
N SER D 54 1.01 -2.61 10.85
CA SER D 54 1.74 -3.59 10.04
C SER D 54 2.50 -4.57 10.93
N ARG D 55 2.30 -5.87 10.68
CA ARG D 55 2.97 -6.91 11.43
C ARG D 55 4.38 -7.11 10.87
N ALA D 56 5.36 -7.28 11.76
CA ALA D 56 6.71 -7.63 11.35
C ALA D 56 6.74 -9.07 10.82
N THR D 57 7.78 -9.41 10.05
CA THR D 57 7.98 -10.76 9.54
C THR D 57 7.97 -11.76 10.70
N GLY D 58 7.24 -12.86 10.51
CA GLY D 58 7.35 -13.99 11.42
C GLY D 58 6.52 -13.82 12.70
N ILE D 59 6.10 -12.59 12.99
CA ILE D 59 5.23 -12.30 14.11
C ILE D 59 3.87 -12.96 13.86
N PRO D 60 3.34 -13.75 14.82
CA PRO D 60 2.06 -14.43 14.65
C PRO D 60 0.85 -13.48 14.70
N ASP D 61 -0.28 -13.94 14.15
CA ASP D 61 -1.38 -13.06 13.78
C ASP D 61 -2.11 -12.53 15.02
N ARG D 62 -1.99 -13.23 16.15
CA ARG D 62 -2.67 -12.83 17.37
C ARG D 62 -2.31 -11.39 17.74
N PHE D 63 -1.07 -10.99 17.42
CA PHE D 63 -0.58 -9.64 17.63
C PHE D 63 -1.13 -8.72 16.54
N SER D 64 -1.75 -7.62 16.96
CA SER D 64 -2.30 -6.64 16.04
C SER D 64 -2.26 -5.26 16.69
N GLY D 65 -1.92 -4.26 15.87
CA GLY D 65 -1.84 -2.89 16.35
C GLY D 65 -2.92 -2.02 15.72
N SER D 66 -3.35 -1.01 16.48
CA SER D 66 -4.40 -0.10 16.06
C SER D 66 -4.15 1.27 16.69
N GLY D 67 -5.07 2.20 16.43
CA GLY D 67 -5.04 3.51 17.07
C GLY D 67 -4.58 4.60 16.11
N SER D 68 -4.74 5.85 16.56
CA SER D 68 -4.38 7.04 15.80
C SER D 68 -4.44 8.25 16.73
N GLY D 69 -3.83 9.35 16.27
CA GLY D 69 -3.85 10.59 17.03
C GLY D 69 -2.91 10.54 18.22
N THR D 70 -3.46 10.21 19.40
CA THR D 70 -2.67 10.22 20.62
C THR D 70 -2.74 8.88 21.34
N ASP D 71 -3.65 7.99 20.90
CA ASP D 71 -3.90 6.76 21.64
C ASP D 71 -3.77 5.57 20.70
N PHE D 72 -2.74 4.75 20.93
CA PHE D 72 -2.46 3.55 20.14
C PHE D 72 -2.58 2.31 21.02
N THR D 73 -2.77 1.15 20.38
CA THR D 73 -3.08 -0.07 21.12
C THR D 73 -2.44 -1.29 20.46
N LEU D 74 -1.58 -1.99 21.22
CA LEU D 74 -1.20 -3.33 20.84
C LEU D 74 -2.23 -4.29 21.43
N THR D 75 -2.66 -5.28 20.63
CA THR D 75 -3.63 -6.26 21.09
C THR D 75 -3.11 -7.66 20.84
N ILE D 76 -3.18 -8.50 21.89
CA ILE D 76 -2.96 -9.92 21.76
C ILE D 76 -4.30 -10.62 21.99
N SER D 77 -4.78 -11.33 20.96
CA SER D 77 -6.13 -11.86 20.98
C SER D 77 -6.29 -12.98 22.01
N ARG D 78 -5.31 -13.89 22.04
CA ARG D 78 -5.28 -14.98 23.01
C ARG D 78 -3.83 -15.20 23.44
N LEU D 79 -3.54 -14.85 24.70
CA LEU D 79 -2.19 -14.90 25.25
C LEU D 79 -1.72 -16.35 25.34
N GLU D 80 -0.68 -16.69 24.59
CA GLU D 80 0.02 -17.96 24.75
C GLU D 80 1.07 -17.77 25.84
N PRO D 81 1.61 -18.86 26.45
CA PRO D 81 2.58 -18.72 27.54
C PRO D 81 3.82 -17.88 27.22
N GLU D 82 4.22 -17.87 25.94
CA GLU D 82 5.43 -17.15 25.53
C GLU D 82 5.16 -15.65 25.39
N ASP D 83 3.88 -15.27 25.32
CA ASP D 83 3.50 -13.88 25.08
C ASP D 83 3.64 -13.04 26.34
N PHE D 84 3.95 -13.67 27.47
CA PHE D 84 4.11 -12.95 28.72
C PHE D 84 5.52 -12.35 28.76
N ALA D 85 5.59 -11.02 28.57
CA ALA D 85 6.84 -10.29 28.40
C ALA D 85 6.61 -8.79 28.56
N VAL D 86 7.68 -8.00 28.42
CA VAL D 86 7.58 -6.55 28.42
C VAL D 86 7.33 -6.09 26.98
N TYR D 87 6.42 -5.12 26.82
CA TYR D 87 6.13 -4.52 25.52
C TYR D 87 6.45 -3.03 25.56
N TYR D 88 7.19 -2.54 24.55
CA TYR D 88 7.53 -1.14 24.44
C TYR D 88 6.95 -0.56 23.15
N CYS D 89 6.24 0.57 23.27
CA CYS D 89 5.87 1.33 22.09
C CYS D 89 6.97 2.33 21.78
N GLN D 90 6.91 2.94 20.58
CA GLN D 90 8.03 3.66 20.01
C GLN D 90 7.52 4.54 18.88
N GLN D 91 7.80 5.85 18.94
CA GLN D 91 7.39 6.76 17.88
C GLN D 91 8.62 7.44 17.28
N HIS D 92 8.52 7.80 15.98
CA HIS D 92 9.56 8.58 15.35
C HIS D 92 8.98 9.65 14.43
N ASP D 93 7.77 10.12 14.74
CA ASP D 93 7.17 11.28 14.10
C ASP D 93 8.14 12.46 14.24
N THR D 94 8.43 12.80 15.51
CA THR D 94 9.37 13.83 15.92
C THR D 94 10.46 13.16 16.76
N SER D 95 11.69 13.11 16.20
CA SER D 95 12.83 12.39 16.74
C SER D 95 12.45 10.93 16.99
N LEU D 96 13.12 10.27 17.94
CA LEU D 96 12.72 8.92 18.31
C LEU D 96 12.70 8.78 19.83
N THR D 97 11.64 8.16 20.34
CA THR D 97 11.44 7.93 21.76
C THR D 97 10.68 6.62 21.96
N PHE D 98 10.83 6.02 23.15
CA PHE D 98 10.12 4.82 23.53
C PHE D 98 9.15 5.11 24.68
N GLY D 99 8.21 4.19 24.88
CA GLY D 99 7.40 4.16 26.09
C GLY D 99 8.12 3.42 27.21
N GLY D 100 7.74 3.73 28.45
CA GLY D 100 8.42 3.17 29.61
C GLY D 100 8.26 1.66 29.76
N GLY D 101 7.38 1.05 28.95
CA GLY D 101 7.13 -0.38 28.95
C GLY D 101 5.90 -0.79 29.74
N THR D 102 5.28 -1.92 29.32
CA THR D 102 4.24 -2.62 30.06
C THR D 102 4.60 -4.09 30.13
N LYS D 103 4.79 -4.62 31.35
CA LYS D 103 4.94 -6.05 31.58
C LYS D 103 3.55 -6.70 31.53
N VAL D 104 3.40 -7.72 30.68
CA VAL D 104 2.23 -8.58 30.70
C VAL D 104 2.62 -9.79 31.56
N GLU D 105 1.81 -10.01 32.60
CA GLU D 105 2.15 -10.90 33.71
C GLU D 105 1.07 -11.96 33.84
N ILE D 106 1.48 -13.19 34.19
CA ILE D 106 0.57 -14.31 34.31
C ILE D 106 -0.26 -14.14 35.59
N LYS D 107 -1.56 -13.84 35.44
CA LYS D 107 -2.45 -13.78 36.59
C LYS D 107 -2.78 -15.19 37.06
N ARG D 108 -2.85 -15.33 38.38
CA ARG D 108 -2.79 -16.60 39.06
C ARG D 108 -3.62 -16.46 40.33
N THR D 109 -4.09 -17.58 40.89
CA THR D 109 -4.72 -17.54 42.20
C THR D 109 -3.71 -17.02 43.21
N VAL D 110 -4.20 -16.32 44.23
CA VAL D 110 -3.36 -15.79 45.29
C VAL D 110 -2.69 -16.97 45.99
N ALA D 111 -1.38 -16.86 46.22
CA ALA D 111 -0.63 -17.86 46.94
C ALA D 111 0.25 -17.18 48.00
N ALA D 112 0.11 -17.61 49.26
CA ALA D 112 0.82 -16.98 50.37
C ALA D 112 2.29 -17.39 50.34
N PRO D 113 3.22 -16.51 50.78
CA PRO D 113 4.64 -16.85 50.81
C PRO D 113 4.93 -17.70 52.04
N SER D 114 5.83 -18.66 51.90
CA SER D 114 6.37 -19.32 53.08
C SER D 114 7.70 -18.66 53.45
N VAL D 115 7.73 -18.08 54.66
CA VAL D 115 8.82 -17.22 55.08
C VAL D 115 9.91 -18.07 55.73
N PHE D 116 11.16 -17.67 55.49
CA PHE D 116 12.32 -18.28 56.15
C PHE D 116 13.26 -17.16 56.57
N ILE D 117 13.98 -17.38 57.68
CA ILE D 117 14.95 -16.41 58.16
C ILE D 117 16.26 -17.15 58.44
N PHE D 118 17.37 -16.53 58.04
CA PHE D 118 18.68 -17.15 58.16
C PHE D 118 19.60 -16.23 58.95
N PRO D 119 20.20 -16.73 60.06
CA PRO D 119 21.19 -15.96 60.82
C PRO D 119 22.47 -15.83 60.00
N PRO D 120 23.31 -14.80 60.26
CA PRO D 120 24.62 -14.71 59.62
C PRO D 120 25.45 -15.96 59.94
N SER D 121 26.17 -16.46 58.93
CA SER D 121 27.05 -17.60 59.08
C SER D 121 28.22 -17.23 59.98
N ASP D 122 28.79 -18.23 60.67
CA ASP D 122 29.96 -18.00 61.50
C ASP D 122 31.10 -17.46 60.64
N GLU D 123 31.21 -17.99 59.41
CA GLU D 123 32.27 -17.62 58.50
C GLU D 123 32.23 -16.12 58.21
N GLN D 124 31.02 -15.59 57.99
CA GLN D 124 30.85 -14.18 57.66
C GLN D 124 31.31 -13.32 58.83
N LEU D 125 30.85 -13.68 60.03
CA LEU D 125 31.09 -12.91 61.24
C LEU D 125 32.58 -12.76 61.49
N LYS D 126 33.37 -13.72 61.00
CA LYS D 126 34.82 -13.67 61.13
C LYS D 126 35.35 -12.35 60.55
N SER D 127 34.82 -11.97 59.37
CA SER D 127 35.36 -10.81 58.66
C SER D 127 34.47 -9.58 58.81
N GLY D 128 33.84 -9.42 59.98
CA GLY D 128 33.44 -8.11 60.46
C GLY D 128 32.08 -7.61 59.97
N THR D 129 31.37 -8.42 59.18
CA THR D 129 30.03 -8.04 58.75
C THR D 129 29.05 -9.16 59.04
N ALA D 130 27.76 -8.83 58.96
CA ALA D 130 26.68 -9.76 59.28
C ALA D 130 25.48 -9.47 58.37
N SER D 131 25.01 -10.52 57.70
CA SER D 131 23.90 -10.40 56.78
C SER D 131 22.79 -11.36 57.19
N VAL D 132 21.61 -10.79 57.47
CA VAL D 132 20.44 -11.56 57.87
C VAL D 132 19.51 -11.63 56.67
N VAL D 133 19.21 -12.86 56.22
CA VAL D 133 18.45 -13.05 55.00
C VAL D 133 17.07 -13.59 55.35
N CYS D 134 16.04 -12.87 54.89
CA CYS D 134 14.65 -13.25 55.05
C CYS D 134 14.11 -13.60 53.66
N LEU D 135 13.60 -14.83 53.52
CA LEU D 135 13.18 -15.35 52.23
C LEU D 135 11.66 -15.55 52.19
N LEU D 136 11.01 -14.89 51.24
CA LEU D 136 9.60 -15.14 50.94
C LEU D 136 9.54 -16.05 49.72
N ASN D 137 8.97 -17.24 49.88
CA ASN D 137 9.13 -18.26 48.84
C ASN D 137 7.77 -18.66 48.27
N ASN D 138 7.62 -18.45 46.95
CA ASN D 138 6.51 -18.93 46.12
C ASN D 138 5.20 -18.23 46.48
N PHE D 139 5.11 -16.93 46.21
CA PHE D 139 3.90 -16.18 46.50
C PHE D 139 3.37 -15.50 45.26
N TYR D 140 2.11 -15.07 45.33
CA TYR D 140 1.45 -14.25 44.32
C TYR D 140 0.25 -13.58 44.97
N PRO D 141 -0.08 -12.30 44.66
CA PRO D 141 0.72 -11.45 43.77
C PRO D 141 2.06 -11.04 44.34
N ARG D 142 2.65 -10.03 43.72
CA ARG D 142 4.04 -9.68 43.89
C ARG D 142 4.22 -8.78 45.13
N GLU D 143 3.16 -8.07 45.50
CA GLU D 143 3.26 -7.11 46.60
C GLU D 143 3.41 -7.85 47.91
N ALA D 144 4.45 -7.47 48.66
CA ALA D 144 4.74 -7.99 49.99
C ALA D 144 5.41 -6.90 50.81
N LYS D 145 4.92 -6.70 52.03
CA LYS D 145 5.61 -5.88 53.02
C LYS D 145 6.59 -6.78 53.76
N VAL D 146 7.85 -6.34 53.83
CA VAL D 146 8.82 -6.99 54.69
C VAL D 146 9.39 -5.92 55.61
N GLN D 147 9.31 -6.16 56.93
CA GLN D 147 9.92 -5.28 57.91
C GLN D 147 10.92 -6.06 58.75
N TRP D 148 12.10 -5.47 58.94
CA TRP D 148 13.08 -6.04 59.85
C TRP D 148 12.88 -5.40 61.22
N LYS D 149 12.82 -6.26 62.24
CA LYS D 149 12.81 -5.83 63.62
C LYS D 149 14.03 -6.40 64.34
N VAL D 150 14.78 -5.53 65.01
CA VAL D 150 15.91 -5.94 65.82
C VAL D 150 15.66 -5.49 67.25
N ASP D 151 15.28 -6.45 68.12
CA ASP D 151 14.96 -6.17 69.51
C ASP D 151 13.84 -5.12 69.58
N ASN D 152 12.88 -5.23 68.66
CA ASN D 152 11.71 -4.35 68.61
C ASN D 152 11.96 -3.11 67.76
N ALA D 153 13.23 -2.76 67.56
CA ALA D 153 13.57 -1.60 66.74
C ALA D 153 13.21 -1.90 65.28
N LEU D 154 12.32 -1.07 64.72
CA LEU D 154 11.96 -1.17 63.32
C LEU D 154 13.13 -0.66 62.48
N GLN D 155 13.80 -1.57 61.76
CA GLN D 155 14.91 -1.19 60.91
C GLN D 155 14.39 -0.45 59.68
N SER D 156 15.21 0.43 59.12
CA SER D 156 14.95 1.03 57.81
C SER D 156 16.24 1.61 57.21
N GLY D 157 16.49 1.24 55.95
CA GLY D 157 17.61 1.81 55.21
C GLY D 157 18.90 1.01 55.37
N ASN D 158 18.77 -0.23 55.88
CA ASN D 158 19.91 -1.13 55.98
C ASN D 158 19.52 -2.53 55.51
N SER D 159 18.55 -2.59 54.59
CA SER D 159 18.11 -3.84 53.98
C SER D 159 17.77 -3.59 52.52
N GLN D 160 17.96 -4.64 51.70
CA GLN D 160 17.75 -4.56 50.26
C GLN D 160 17.02 -5.81 49.76
N GLU D 161 15.89 -5.58 49.09
CA GLU D 161 15.06 -6.65 48.55
C GLU D 161 15.51 -7.01 47.13
N SER D 162 15.22 -8.26 46.75
CA SER D 162 15.46 -8.77 45.42
C SER D 162 14.37 -9.79 45.10
N VAL D 163 13.71 -9.62 43.95
CA VAL D 163 12.60 -10.48 43.57
C VAL D 163 12.99 -11.25 42.33
N THR D 164 12.64 -12.54 42.30
CA THR D 164 12.79 -13.33 41.08
C THR D 164 11.83 -12.82 40.00
N GLU D 165 12.04 -13.31 38.78
CA GLU D 165 11.01 -13.23 37.76
C GLU D 165 9.91 -14.21 38.16
N GLN D 166 8.77 -14.15 37.46
CA GLN D 166 7.68 -15.09 37.69
C GLN D 166 8.17 -16.50 37.35
N ASP D 167 7.69 -17.51 38.08
CA ASP D 167 8.21 -18.86 37.89
C ASP D 167 7.60 -19.50 36.65
N SER D 168 8.40 -20.34 35.98
CA SER D 168 8.03 -21.00 34.73
C SER D 168 6.86 -21.97 34.98
N LYS D 169 6.86 -22.60 36.16
CA LYS D 169 5.98 -23.72 36.41
C LYS D 169 4.73 -23.27 37.19
N ASP D 170 4.93 -22.55 38.29
CA ASP D 170 3.83 -22.28 39.21
C ASP D 170 3.39 -20.81 39.14
N SER D 171 4.08 -20.02 38.30
CA SER D 171 3.73 -18.64 38.06
C SER D 171 3.73 -17.84 39.37
N THR D 172 4.69 -18.12 40.26
CA THR D 172 4.81 -17.38 41.50
C THR D 172 6.10 -16.59 41.51
N TYR D 173 6.28 -15.80 42.57
CA TYR D 173 7.53 -15.09 42.80
C TYR D 173 8.13 -15.54 44.13
N SER D 174 9.44 -15.29 44.25
CA SER D 174 10.18 -15.44 45.49
C SER D 174 10.99 -14.16 45.70
N LEU D 175 10.95 -13.63 46.92
CA LEU D 175 11.66 -12.40 47.24
C LEU D 175 12.62 -12.68 48.39
N SER D 176 13.77 -12.01 48.37
CA SER D 176 14.70 -12.05 49.48
C SER D 176 14.87 -10.64 50.03
N SER D 177 14.94 -10.53 51.36
CA SER D 177 15.34 -9.31 52.03
C SER D 177 16.64 -9.58 52.79
N THR D 178 17.63 -8.69 52.64
CA THR D 178 18.91 -8.89 53.27
C THR D 178 19.29 -7.68 54.12
N LEU D 179 19.18 -7.86 55.45
CA LEU D 179 19.56 -6.87 56.43
C LEU D 179 21.07 -6.98 56.64
N THR D 180 21.75 -5.83 56.56
CA THR D 180 23.21 -5.79 56.66
C THR D 180 23.61 -4.95 57.86
N LEU D 181 24.33 -5.59 58.80
CA LEU D 181 24.78 -4.95 60.03
C LEU D 181 26.26 -5.22 60.21
N SER D 182 26.98 -4.28 60.84
CA SER D 182 28.36 -4.51 61.22
C SER D 182 28.39 -5.56 62.32
N LYS D 183 29.49 -6.33 62.40
CA LYS D 183 29.63 -7.34 63.45
C LYS D 183 29.32 -6.70 64.79
N ALA D 184 29.73 -5.43 64.95
CA ALA D 184 29.53 -4.64 66.16
C ALA D 184 28.04 -4.56 66.52
N ASP D 185 27.23 -4.01 65.62
CA ASP D 185 25.81 -3.78 65.88
C ASP D 185 25.09 -5.11 66.03
N TYR D 186 25.49 -6.11 65.24
CA TYR D 186 24.82 -7.39 65.24
C TYR D 186 24.88 -8.00 66.63
N GLU D 187 25.99 -7.75 67.33
CA GLU D 187 26.21 -8.39 68.62
C GLU D 187 25.67 -7.52 69.75
N LYS D 188 25.26 -6.29 69.42
CA LYS D 188 24.65 -5.43 70.43
C LYS D 188 23.19 -5.83 70.66
N HIS D 189 22.66 -6.78 69.87
CA HIS D 189 21.24 -7.09 69.89
C HIS D 189 21.00 -8.60 69.91
N LYS D 190 19.79 -9.00 70.33
CA LYS D 190 19.50 -10.39 70.65
C LYS D 190 18.51 -11.00 69.66
N VAL D 191 17.40 -10.31 69.42
CA VAL D 191 16.31 -10.88 68.63
C VAL D 191 16.25 -10.22 67.26
N TYR D 192 16.32 -11.07 66.22
CA TYR D 192 16.24 -10.66 64.84
C TYR D 192 15.00 -11.27 64.20
N ALA D 193 14.14 -10.41 63.62
CA ALA D 193 12.88 -10.84 63.05
C ALA D 193 12.57 -10.09 61.77
N CYS D 194 12.03 -10.83 60.78
CA CYS D 194 11.29 -10.19 59.70
C CYS D 194 9.83 -10.60 59.78
N GLU D 195 8.95 -9.59 59.62
CA GLU D 195 7.50 -9.76 59.59
C GLU D 195 7.01 -9.47 58.16
N VAL D 196 6.27 -10.44 57.62
CA VAL D 196 5.85 -10.44 56.22
C VAL D 196 4.36 -10.16 56.16
N THR D 197 3.98 -9.08 55.47
CA THR D 197 2.58 -8.83 55.18
C THR D 197 2.31 -9.14 53.73
N HIS D 198 1.43 -10.11 53.49
CA HIS D 198 1.07 -10.51 52.15
C HIS D 198 -0.42 -10.88 52.08
N GLN D 199 -1.03 -10.64 50.92
CA GLN D 199 -2.46 -10.77 50.73
C GLN D 199 -2.91 -12.20 51.06
N GLY D 200 -2.04 -13.16 50.75
CA GLY D 200 -2.35 -14.57 50.88
C GLY D 200 -2.33 -15.04 52.33
N LEU D 201 -1.89 -14.17 53.25
CA LEU D 201 -1.80 -14.51 54.66
C LEU D 201 -3.03 -13.98 55.38
N SER D 202 -3.59 -14.80 56.26
CA SER D 202 -4.74 -14.41 57.07
C SER D 202 -4.36 -13.28 58.04
N SER D 203 -3.12 -13.34 58.55
CA SER D 203 -2.51 -12.28 59.33
C SER D 203 -0.98 -12.36 59.15
N PRO D 204 -0.22 -11.27 59.38
CA PRO D 204 1.20 -11.23 59.01
C PRO D 204 1.99 -12.34 59.67
N VAL D 205 3.03 -12.83 58.98
CA VAL D 205 3.88 -13.90 59.47
C VAL D 205 5.21 -13.31 59.92
N THR D 206 5.58 -13.55 61.19
CA THR D 206 6.89 -13.17 61.69
C THR D 206 7.75 -14.42 61.82
N LYS D 207 9.01 -14.31 61.39
CA LYS D 207 10.01 -15.35 61.62
C LYS D 207 11.21 -14.69 62.28
N SER D 208 11.67 -15.27 63.38
CA SER D 208 12.74 -14.67 64.17
C SER D 208 13.75 -15.72 64.59
N PHE D 209 14.90 -15.24 65.09
CA PHE D 209 15.82 -16.06 65.84
C PHE D 209 16.43 -15.22 66.96
N ASN D 210 17.00 -15.90 67.96
CA ASN D 210 17.84 -15.24 68.95
C ASN D 210 19.30 -15.53 68.60
N ARG D 211 20.13 -14.48 68.61
CA ARG D 211 21.53 -14.57 68.22
C ARG D 211 22.24 -15.65 69.02
N GLY D 212 22.96 -16.53 68.33
CA GLY D 212 23.84 -17.51 68.93
C GLY D 212 23.10 -18.62 69.67
N GLU D 213 21.82 -18.83 69.29
CA GLU D 213 21.03 -19.93 69.83
C GLU D 213 20.74 -20.92 68.70
N GLN E 1 18.61 -15.59 9.50
CA GLN E 1 19.75 -15.49 8.56
C GLN E 1 20.48 -14.17 8.79
N VAL E 2 19.71 -13.09 9.00
CA VAL E 2 20.24 -11.79 9.38
C VAL E 2 20.76 -11.86 10.81
N GLN E 3 21.94 -11.26 11.05
CA GLN E 3 22.57 -11.32 12.36
C GLN E 3 23.38 -10.04 12.61
N LEU E 4 23.10 -9.42 13.76
CA LEU E 4 23.99 -8.44 14.36
C LEU E 4 24.56 -9.04 15.63
N VAL E 5 25.89 -9.11 15.72
CA VAL E 5 26.57 -9.78 16.81
C VAL E 5 27.54 -8.80 17.45
N GLN E 6 27.32 -8.52 18.74
CA GLN E 6 28.02 -7.41 19.37
C GLN E 6 29.25 -7.93 20.13
N SER E 7 30.16 -7.00 20.43
CA SER E 7 31.41 -7.30 21.10
C SER E 7 31.16 -7.63 22.58
N GLY E 8 32.22 -8.11 23.23
CA GLY E 8 32.16 -8.55 24.62
C GLY E 8 31.84 -7.41 25.58
N ALA E 9 31.56 -7.78 26.83
CA ALA E 9 31.15 -6.84 27.86
C ALA E 9 32.35 -6.02 28.31
N GLU E 10 32.11 -4.76 28.68
CA GLU E 10 33.17 -3.86 29.09
C GLU E 10 32.97 -3.45 30.55
N VAL E 11 34.08 -3.20 31.23
CA VAL E 11 34.09 -2.55 32.54
C VAL E 11 34.94 -1.30 32.42
N LYS E 12 34.40 -0.14 32.84
CA LYS E 12 35.02 1.13 32.59
C LYS E 12 34.96 2.01 33.84
N LYS E 13 36.07 2.68 34.16
CA LYS E 13 36.12 3.61 35.28
C LYS E 13 35.35 4.88 34.90
N PRO E 14 34.70 5.58 35.85
CA PRO E 14 34.04 6.86 35.53
C PRO E 14 35.05 7.82 34.93
N GLY E 15 34.68 8.43 33.80
CA GLY E 15 35.56 9.33 33.09
C GLY E 15 36.00 8.75 31.74
N ALA E 16 36.14 7.43 31.68
CA ALA E 16 36.69 6.72 30.54
C ALA E 16 35.79 6.84 29.32
N SER E 17 36.17 6.14 28.23
CA SER E 17 35.33 5.98 27.06
C SER E 17 35.16 4.50 26.73
N VAL E 18 34.01 4.16 26.14
CA VAL E 18 33.73 2.80 25.70
C VAL E 18 33.34 2.87 24.23
N LYS E 19 33.88 1.94 23.43
CA LYS E 19 33.52 1.80 22.03
C LYS E 19 33.09 0.35 21.77
N VAL E 20 31.78 0.20 21.51
CA VAL E 20 31.13 -1.08 21.29
C VAL E 20 30.97 -1.29 19.79
N SER E 21 31.34 -2.50 19.31
CA SER E 21 31.16 -2.83 17.91
C SER E 21 29.95 -3.74 17.72
N CYS E 22 29.43 -3.72 16.49
CA CYS E 22 28.20 -4.41 16.09
C CYS E 22 28.39 -4.95 14.68
N LYS E 23 28.48 -6.28 14.55
CA LYS E 23 28.88 -6.92 13.31
C LYS E 23 27.65 -7.47 12.60
N ALA E 24 27.25 -6.78 11.52
CA ALA E 24 26.08 -7.10 10.73
C ALA E 24 26.45 -8.16 9.71
N SER E 25 25.48 -9.02 9.37
CA SER E 25 25.66 -10.01 8.32
C SER E 25 24.32 -10.59 7.90
N GLY E 26 24.27 -11.09 6.65
CA GLY E 26 23.13 -11.80 6.11
C GLY E 26 22.16 -10.86 5.39
N TYR E 27 22.64 -9.66 5.05
CA TYR E 27 21.82 -8.66 4.39
C TYR E 27 22.70 -7.54 3.85
N PRO E 28 22.30 -6.86 2.74
CA PRO E 28 23.01 -5.67 2.26
C PRO E 28 23.20 -4.56 3.29
N PHE E 29 24.46 -4.35 3.69
CA PHE E 29 24.80 -3.57 4.88
C PHE E 29 24.38 -2.11 4.71
N THR E 30 24.61 -1.56 3.52
CA THR E 30 24.44 -0.14 3.29
C THR E 30 23.00 0.18 2.88
N SER E 31 22.11 -0.81 2.98
CA SER E 31 20.72 -0.56 2.61
C SER E 31 19.93 -0.01 3.78
N TYR E 32 20.45 -0.23 5.00
CA TYR E 32 19.78 0.10 6.23
C TYR E 32 20.76 0.76 7.20
N GLY E 33 20.31 1.84 7.83
CA GLY E 33 21.08 2.48 8.88
C GLY E 33 21.11 1.63 10.16
N ILE E 34 22.01 1.99 11.08
CA ILE E 34 22.08 1.29 12.34
C ILE E 34 21.58 2.21 13.44
N SER E 35 20.66 1.69 14.27
CA SER E 35 20.23 2.38 15.47
C SER E 35 20.86 1.72 16.70
N TRP E 36 21.17 2.54 17.70
CA TRP E 36 21.68 2.06 18.98
C TRP E 36 20.69 2.38 20.10
N VAL E 37 20.37 1.36 20.90
CA VAL E 37 19.48 1.52 22.04
C VAL E 37 20.18 0.96 23.26
N ARG E 38 20.13 1.69 24.37
CA ARG E 38 20.67 1.16 25.62
C ARG E 38 19.55 0.93 26.61
N GLN E 39 19.81 0.02 27.55
CA GLN E 39 18.89 -0.29 28.63
C GLN E 39 19.68 -0.40 29.92
N ALA E 40 19.56 0.63 30.78
CA ALA E 40 20.18 0.61 32.10
C ALA E 40 19.46 -0.43 32.96
N PRO E 41 20.11 -1.07 33.96
CA PRO E 41 19.43 -2.03 34.83
C PRO E 41 18.11 -1.53 35.44
N GLY E 42 17.04 -2.33 35.25
CA GLY E 42 15.73 -2.06 35.80
C GLY E 42 14.98 -0.93 35.10
N GLN E 43 15.49 -0.48 33.94
CA GLN E 43 14.90 0.62 33.20
C GLN E 43 14.31 0.15 31.87
N GLY E 44 13.51 1.04 31.27
CA GLY E 44 13.01 0.84 29.92
C GLY E 44 14.12 1.00 28.88
N LEU E 45 13.75 0.93 27.61
CA LEU E 45 14.69 1.14 26.52
C LEU E 45 14.91 2.64 26.35
N GLU E 46 16.11 3.01 25.92
CA GLU E 46 16.46 4.40 25.68
C GLU E 46 17.22 4.47 24.36
N TRP E 47 16.72 5.33 23.46
CA TRP E 47 17.33 5.49 22.15
C TRP E 47 18.52 6.44 22.28
N MET E 48 19.58 6.12 21.52
CA MET E 48 20.83 6.84 21.57
C MET E 48 21.08 7.56 20.25
N GLY E 49 20.84 6.87 19.12
CA GLY E 49 21.06 7.51 17.84
C GLY E 49 21.02 6.56 16.65
N TRP E 50 21.24 7.14 15.47
CA TRP E 50 21.07 6.49 14.19
C TRP E 50 22.26 6.83 13.31
N ILE E 51 22.61 5.93 12.38
CA ILE E 51 23.66 6.24 11.42
C ILE E 51 23.30 5.65 10.07
N SER E 52 23.64 6.39 9.00
CA SER E 52 23.57 5.85 7.64
C SER E 52 24.83 5.04 7.35
N THR E 53 24.64 3.78 6.95
CA THR E 53 25.75 2.94 6.57
C THR E 53 26.19 3.31 5.16
N TYR E 54 25.32 4.08 4.46
CA TYR E 54 25.53 4.48 3.09
C TYR E 54 26.37 5.76 3.00
N ASN E 55 25.99 6.81 3.75
CA ASN E 55 26.64 8.10 3.60
C ASN E 55 27.27 8.57 4.92
N GLY E 56 26.90 7.92 6.03
CA GLY E 56 27.58 8.16 7.29
C GLY E 56 26.98 9.33 8.08
N ASN E 57 25.82 9.83 7.63
CA ASN E 57 25.09 10.83 8.40
C ASN E 57 24.56 10.19 9.67
N THR E 58 24.55 10.96 10.75
CA THR E 58 24.09 10.46 12.04
C THR E 58 22.99 11.36 12.59
N ASN E 59 22.14 10.77 13.43
CA ASN E 59 21.17 11.53 14.18
C ASN E 59 21.20 10.99 15.62
N TYR E 60 21.63 11.83 16.56
CA TYR E 60 21.84 11.43 17.94
C TYR E 60 20.72 11.95 18.84
N ALA E 61 20.34 11.15 19.83
CA ALA E 61 19.43 11.57 20.88
C ALA E 61 20.00 12.81 21.56
N GLN E 62 19.14 13.81 21.76
CA GLN E 62 19.59 15.10 22.29
C GLN E 62 20.37 14.90 23.59
N LYS E 63 20.00 13.87 24.35
CA LYS E 63 20.60 13.53 25.63
C LYS E 63 22.09 13.22 25.47
N PHE E 64 22.47 12.56 24.37
CA PHE E 64 23.82 12.07 24.21
C PHE E 64 24.60 12.91 23.20
N GLN E 65 24.17 14.16 23.01
CA GLN E 65 24.60 14.98 21.89
C GLN E 65 26.12 15.07 21.79
N GLY E 66 26.77 15.75 22.73
CA GLY E 66 28.18 16.01 22.57
C GLY E 66 29.06 14.85 23.07
N ARG E 67 28.48 13.65 23.19
CA ARG E 67 29.11 12.64 24.01
C ARG E 67 29.32 11.33 23.25
N VAL E 68 28.39 11.00 22.35
CA VAL E 68 28.47 9.75 21.61
C VAL E 68 29.04 10.03 20.22
N THR E 69 29.70 9.01 19.65
CA THR E 69 30.15 9.07 18.27
C THR E 69 29.91 7.72 17.61
N MET E 70 29.04 7.71 16.60
CA MET E 70 28.80 6.50 15.85
C MET E 70 29.58 6.56 14.53
N THR E 71 30.18 5.42 14.16
CA THR E 71 30.80 5.24 12.86
C THR E 71 30.45 3.85 12.35
N THR E 72 30.65 3.62 11.05
CA THR E 72 30.52 2.27 10.51
C THR E 72 31.76 1.98 9.69
N ASP E 73 32.03 0.68 9.48
CA ASP E 73 33.05 0.25 8.55
C ASP E 73 32.39 -0.68 7.55
N THR E 74 32.32 -0.22 6.29
CA THR E 74 31.57 -0.90 5.25
C THR E 74 32.30 -2.18 4.88
N SER E 75 33.62 -2.06 4.79
CA SER E 75 34.53 -3.12 4.40
C SER E 75 34.17 -4.42 5.12
N THR E 76 33.77 -4.29 6.40
CA THR E 76 33.59 -5.40 7.32
C THR E 76 32.21 -5.30 7.99
N THR E 77 31.35 -4.46 7.43
CA THR E 77 29.94 -4.38 7.81
C THR E 77 29.78 -4.36 9.33
N THR E 78 30.69 -3.67 10.03
CA THR E 78 30.61 -3.47 11.47
C THR E 78 30.12 -2.05 11.77
N GLY E 79 29.26 -1.91 12.77
CA GLY E 79 28.89 -0.61 13.29
C GLY E 79 29.60 -0.35 14.62
N TYR E 80 29.82 0.93 14.93
CA TYR E 80 30.54 1.31 16.12
C TYR E 80 29.76 2.40 16.86
N MET E 81 29.81 2.31 18.19
CA MET E 81 29.20 3.30 19.05
C MET E 81 30.21 3.59 20.15
N GLU E 82 30.58 4.86 20.28
CA GLU E 82 31.59 5.24 21.26
C GLU E 82 31.01 6.31 22.18
N LEU E 83 30.81 5.91 23.45
CA LEU E 83 30.35 6.82 24.47
C LEU E 83 31.54 7.22 25.33
N ARG E 84 31.70 8.54 25.48
CA ARG E 84 32.84 9.13 26.15
C ARG E 84 32.37 9.71 27.47
N ARG E 85 33.33 10.06 28.34
CA ARG E 85 33.06 10.76 29.59
C ARG E 85 32.02 10.00 30.41
N LEU E 86 32.25 8.69 30.57
CA LEU E 86 31.30 7.78 31.18
C LEU E 86 31.10 8.12 32.66
N ARG E 87 29.84 8.14 33.08
CA ARG E 87 29.48 8.14 34.48
C ARG E 87 28.81 6.80 34.80
N SER E 88 28.73 6.43 36.08
CA SER E 88 28.21 5.13 36.48
C SER E 88 26.75 5.02 36.03
N ASP E 89 26.10 6.18 36.01
CA ASP E 89 24.77 6.45 35.47
C ASP E 89 24.58 5.75 34.12
N ASP E 90 25.68 5.52 33.38
CA ASP E 90 25.66 4.99 32.03
C ASP E 90 25.84 3.46 32.02
N THR E 91 25.77 2.81 33.18
CA THR E 91 25.84 1.36 33.17
C THR E 91 24.56 0.85 32.56
N ALA E 92 24.69 0.07 31.47
CA ALA E 92 23.53 -0.38 30.71
C ALA E 92 23.94 -1.56 29.83
N VAL E 93 22.93 -2.14 29.17
CA VAL E 93 23.20 -3.00 28.02
C VAL E 93 22.99 -2.15 26.77
N TYR E 94 23.98 -2.22 25.86
CA TYR E 94 23.98 -1.44 24.65
C TYR E 94 23.63 -2.34 23.47
N TYR E 95 22.52 -2.00 22.80
CA TYR E 95 22.05 -2.74 21.65
C TYR E 95 22.28 -1.93 20.38
N CYS E 96 22.67 -2.63 19.30
CA CYS E 96 22.52 -2.10 17.96
C CYS E 96 21.36 -2.82 17.28
N ALA E 97 20.71 -2.12 16.34
CA ALA E 97 19.58 -2.70 15.63
C ALA E 97 19.63 -2.25 14.18
N ARG E 98 19.23 -3.15 13.26
CA ARG E 98 19.11 -2.77 11.87
C ARG E 98 17.91 -1.82 11.75
N ASP E 99 18.16 -0.61 11.22
CA ASP E 99 17.14 0.43 11.30
C ASP E 99 16.36 0.52 9.99
N TYR E 100 15.04 0.53 10.12
CA TYR E 100 14.14 0.87 9.03
C TYR E 100 13.21 2.00 9.45
N THR E 101 13.74 3.01 10.17
CA THR E 101 12.95 4.16 10.59
C THR E 101 13.37 5.43 9.86
N ARG E 102 14.62 5.43 9.36
CA ARG E 102 15.13 6.45 8.46
C ARG E 102 16.09 5.79 7.48
N GLY E 103 15.91 6.14 6.20
CA GLY E 103 16.60 5.47 5.09
C GLY E 103 18.08 5.85 5.03
N ALA E 104 18.89 4.88 4.62
CA ALA E 104 20.33 5.05 4.60
C ALA E 104 20.69 6.10 3.55
N TRP E 105 20.11 5.98 2.35
CA TRP E 105 20.52 6.72 1.17
C TRP E 105 20.04 8.17 1.21
N PHE E 106 18.75 8.38 1.48
CA PHE E 106 18.21 9.72 1.32
C PHE E 106 17.85 10.34 2.66
N GLY E 107 18.10 9.59 3.74
CA GLY E 107 18.01 10.07 5.11
C GLY E 107 16.61 10.57 5.51
N GLU E 108 15.57 9.98 4.91
CA GLU E 108 14.21 10.42 5.17
C GLU E 108 13.47 9.36 5.98
N SER E 109 12.34 9.76 6.57
CA SER E 109 11.65 8.90 7.51
C SER E 109 10.88 7.81 6.76
N LEU E 110 10.88 6.60 7.34
CA LEU E 110 10.29 5.40 6.73
C LEU E 110 9.22 4.84 7.65
N ILE E 111 8.24 4.16 7.04
CA ILE E 111 7.26 3.35 7.76
C ILE E 111 7.93 2.01 8.07
N GLY E 112 8.35 1.85 9.33
CA GLY E 112 9.12 0.72 9.79
C GLY E 112 9.59 0.92 11.22
N GLY E 113 10.57 0.11 11.65
CA GLY E 113 11.08 0.13 13.02
C GLY E 113 12.48 -0.46 13.10
N PHE E 114 12.84 -0.99 14.26
CA PHE E 114 14.13 -1.64 14.43
C PHE E 114 13.96 -3.14 14.19
N ASP E 115 14.48 -3.62 13.05
CA ASP E 115 14.10 -4.88 12.42
C ASP E 115 14.69 -6.06 13.19
N ASN E 116 16.01 -6.08 13.34
CA ASN E 116 16.71 -7.10 14.10
C ASN E 116 17.64 -6.37 15.06
N TRP E 117 17.86 -6.97 16.24
CA TRP E 117 18.67 -6.39 17.30
C TRP E 117 19.87 -7.27 17.56
N GLY E 118 20.96 -6.66 18.04
CA GLY E 118 22.10 -7.40 18.53
C GLY E 118 21.77 -8.14 19.82
N GLN E 119 22.71 -9.00 20.27
CA GLN E 119 22.52 -9.72 21.52
C GLN E 119 22.69 -8.76 22.68
N GLY E 120 23.30 -7.60 22.40
CA GLY E 120 23.57 -6.59 23.42
C GLY E 120 25.02 -6.68 23.91
N THR E 121 25.52 -5.54 24.41
CA THR E 121 26.80 -5.48 25.09
C THR E 121 26.61 -4.79 26.43
N LEU E 122 27.03 -5.44 27.51
CA LEU E 122 26.93 -4.86 28.84
C LEU E 122 28.15 -3.97 29.09
N VAL E 123 27.89 -2.73 29.47
CA VAL E 123 28.95 -1.82 29.87
C VAL E 123 28.71 -1.44 31.34
N THR E 124 29.67 -1.79 32.19
CA THR E 124 29.60 -1.50 33.62
C THR E 124 30.56 -0.36 33.94
N VAL E 125 30.00 0.73 34.45
CA VAL E 125 30.80 1.89 34.82
C VAL E 125 30.82 1.99 36.34
N SER E 126 32.02 1.85 36.91
CA SER E 126 32.18 1.80 38.36
C SER E 126 33.62 2.16 38.72
N SER E 127 33.80 2.69 39.94
CA SER E 127 35.12 2.91 40.48
C SER E 127 35.66 1.59 41.01
N ALA E 128 34.76 0.60 41.13
CA ALA E 128 35.06 -0.71 41.67
C ALA E 128 36.12 -1.42 40.83
N SER E 129 36.77 -2.42 41.45
CA SER E 129 37.77 -3.25 40.80
C SER E 129 37.31 -4.70 40.88
N THR E 130 37.83 -5.53 39.96
CA THR E 130 37.49 -6.95 39.92
C THR E 130 37.71 -7.55 41.29
N LYS E 131 36.66 -8.18 41.82
CA LYS E 131 36.70 -8.82 43.13
C LYS E 131 35.77 -10.02 43.10
N GLY E 132 36.30 -11.17 43.52
CA GLY E 132 35.54 -12.42 43.58
C GLY E 132 34.71 -12.49 44.86
N PRO E 133 33.55 -13.19 44.83
CA PRO E 133 32.63 -13.20 45.95
C PRO E 133 33.11 -14.04 47.13
N SER E 134 32.65 -13.66 48.32
CA SER E 134 32.64 -14.59 49.43
C SER E 134 31.29 -15.32 49.39
N VAL E 135 31.34 -16.64 49.56
CA VAL E 135 30.14 -17.47 49.58
C VAL E 135 29.94 -18.01 50.99
N PHE E 136 28.89 -17.54 51.67
CA PHE E 136 28.57 -18.00 53.01
C PHE E 136 27.29 -18.83 52.96
N PRO E 137 27.17 -19.90 53.76
CA PRO E 137 25.98 -20.74 53.76
C PRO E 137 24.79 -19.99 54.34
N LEU E 138 23.59 -20.42 53.95
CA LEU E 138 22.35 -20.12 54.63
C LEU E 138 21.78 -21.44 55.13
N ALA E 139 22.25 -21.84 56.33
CA ALA E 139 21.98 -23.15 56.90
C ALA E 139 20.48 -23.32 57.14
N PRO E 140 19.92 -24.52 56.88
CA PRO E 140 18.49 -24.77 57.09
C PRO E 140 18.15 -24.66 58.57
N SER E 141 17.03 -23.98 58.86
CA SER E 141 16.64 -23.61 60.21
C SER E 141 16.56 -24.84 61.11
N SER E 142 17.09 -24.66 62.33
CA SER E 142 17.03 -25.64 63.41
C SER E 142 15.58 -26.06 63.63
N LYS E 143 14.73 -25.07 63.95
CA LYS E 143 13.28 -25.23 64.04
C LYS E 143 12.72 -25.55 62.66
N SER E 144 12.53 -26.85 62.40
CA SER E 144 12.04 -27.36 61.12
C SER E 144 11.27 -28.65 61.37
N THR E 145 10.17 -28.84 60.64
CA THR E 145 9.23 -29.91 60.92
C THR E 145 9.05 -30.83 59.72
N SER E 146 8.83 -32.12 60.02
CA SER E 146 8.39 -33.17 59.10
C SER E 146 9.01 -32.97 57.71
N THR E 149 8.90 -29.13 54.59
CA THR E 149 9.74 -28.33 53.66
C THR E 149 10.75 -27.50 54.44
N ALA E 150 12.03 -27.61 54.05
CA ALA E 150 13.10 -26.78 54.57
C ALA E 150 13.69 -25.97 53.42
N ALA E 151 14.26 -24.81 53.75
CA ALA E 151 14.97 -24.00 52.79
C ALA E 151 16.41 -23.84 53.25
N LEU E 152 17.35 -24.00 52.31
CA LEU E 152 18.74 -23.66 52.55
C LEU E 152 19.26 -22.89 51.33
N GLY E 153 20.40 -22.22 51.49
CA GLY E 153 20.90 -21.37 50.42
C GLY E 153 22.39 -21.02 50.57
N CYS E 154 22.87 -20.25 49.58
CA CYS E 154 24.20 -19.67 49.60
C CYS E 154 24.05 -18.16 49.43
N LEU E 155 24.73 -17.40 50.30
CA LEU E 155 24.87 -15.98 50.13
C LEU E 155 26.18 -15.71 49.40
N VAL E 156 26.06 -15.08 48.23
CA VAL E 156 27.18 -14.79 47.36
C VAL E 156 27.44 -13.29 47.44
N LYS E 157 28.40 -12.90 48.29
CA LYS E 157 28.53 -11.50 48.69
C LYS E 157 29.85 -10.89 48.24
N ASP E 158 29.79 -9.59 47.95
CA ASP E 158 30.92 -8.70 47.73
C ASP E 158 31.76 -9.18 46.55
N TYR E 159 31.19 -9.08 45.35
CA TYR E 159 31.89 -9.38 44.10
C TYR E 159 31.62 -8.28 43.08
N PHE E 160 32.55 -8.13 42.13
CA PHE E 160 32.45 -7.22 41.01
C PHE E 160 33.35 -7.74 39.88
N PRO E 161 32.96 -7.61 38.59
CA PRO E 161 31.61 -7.17 38.20
C PRO E 161 30.63 -8.32 38.00
N GLU E 162 29.44 -8.00 37.50
CA GLU E 162 28.47 -9.00 37.13
C GLU E 162 29.06 -9.86 36.00
N PRO E 163 28.73 -11.17 35.88
CA PRO E 163 27.75 -11.85 36.71
C PRO E 163 28.30 -13.05 37.48
N VAL E 164 27.45 -13.71 38.28
CA VAL E 164 27.89 -14.96 38.87
C VAL E 164 26.92 -16.08 38.48
N THR E 165 27.47 -17.30 38.46
CA THR E 165 26.74 -18.51 38.15
C THR E 165 26.55 -19.30 39.45
N VAL E 166 25.31 -19.70 39.73
CA VAL E 166 25.08 -20.54 40.91
C VAL E 166 24.26 -21.76 40.49
N SER E 167 24.77 -22.96 40.83
CA SER E 167 24.02 -24.20 40.67
C SER E 167 24.27 -25.10 41.87
N TRP E 168 23.45 -26.15 42.02
CA TRP E 168 23.46 -27.01 43.19
C TRP E 168 23.77 -28.46 42.79
N ASN E 169 24.72 -29.06 43.49
CA ASN E 169 25.15 -30.44 43.27
C ASN E 169 25.54 -30.62 41.81
N SER E 170 26.36 -29.68 41.31
CA SER E 170 26.84 -29.67 39.94
C SER E 170 25.67 -29.71 38.96
N GLY E 171 24.56 -29.08 39.33
CA GLY E 171 23.40 -28.95 38.45
C GLY E 171 22.43 -30.13 38.55
N ALA E 172 22.70 -31.05 39.49
CA ALA E 172 21.82 -32.20 39.70
C ALA E 172 20.48 -31.73 40.28
N LEU E 173 20.55 -30.85 41.28
CA LEU E 173 19.36 -30.34 41.94
C LEU E 173 19.00 -28.98 41.36
N THR E 174 17.95 -28.94 40.54
CA THR E 174 17.49 -27.70 39.93
C THR E 174 16.06 -27.41 40.39
N SER E 175 15.39 -28.43 40.92
CA SER E 175 13.99 -28.31 41.29
C SER E 175 13.86 -27.51 42.58
N GLY E 176 13.16 -26.36 42.49
CA GLY E 176 12.86 -25.55 43.66
C GLY E 176 14.01 -24.62 44.02
N VAL E 177 14.98 -24.48 43.11
CA VAL E 177 16.05 -23.53 43.26
C VAL E 177 15.53 -22.15 42.86
N HIS E 178 15.93 -21.13 43.62
CA HIS E 178 15.76 -19.74 43.24
C HIS E 178 17.10 -19.05 43.38
N THR E 179 17.62 -18.50 42.27
CA THR E 179 18.75 -17.60 42.33
C THR E 179 18.26 -16.19 42.06
N PHE E 180 18.49 -15.29 43.02
CA PHE E 180 17.95 -13.94 42.93
C PHE E 180 18.79 -13.08 42.01
N PRO E 181 18.20 -12.05 41.37
CA PRO E 181 18.97 -10.99 40.71
C PRO E 181 19.93 -10.39 41.71
N ALA E 182 21.16 -10.12 41.24
CA ALA E 182 22.15 -9.42 42.03
C ALA E 182 21.63 -8.04 42.41
N VAL E 183 22.06 -7.54 43.57
CA VAL E 183 21.77 -6.17 43.93
C VAL E 183 23.11 -5.46 44.08
N LEU E 184 23.17 -4.24 43.57
CA LEU E 184 24.34 -3.38 43.75
C LEU E 184 24.30 -2.79 45.15
N GLN E 185 25.34 -3.06 45.93
CA GLN E 185 25.43 -2.53 47.27
C GLN E 185 25.99 -1.11 47.22
N SER E 186 25.77 -0.35 48.30
CA SER E 186 26.29 1.00 48.44
C SER E 186 27.82 0.97 48.43
N SER E 187 28.37 -0.22 48.69
CA SER E 187 29.81 -0.45 48.73
C SER E 187 30.38 -0.44 47.32
N GLY E 188 29.51 -0.60 46.32
CA GLY E 188 29.93 -0.60 44.93
C GLY E 188 30.13 -2.01 44.38
N LEU E 189 30.06 -3.01 45.27
CA LEU E 189 30.13 -4.41 44.91
C LEU E 189 28.73 -5.01 44.84
N TYR E 190 28.64 -6.22 44.27
CA TYR E 190 27.37 -6.89 44.07
C TYR E 190 27.21 -8.04 45.05
N SER E 191 25.96 -8.41 45.29
CA SER E 191 25.60 -9.50 46.19
C SER E 191 24.26 -10.10 45.76
N LEU E 192 24.17 -11.44 45.83
CA LEU E 192 22.91 -12.14 45.61
C LEU E 192 22.88 -13.42 46.43
N SER E 193 21.65 -13.94 46.61
CA SER E 193 21.43 -15.20 47.29
C SER E 193 20.82 -16.21 46.34
N SER E 194 21.19 -17.49 46.54
CA SER E 194 20.53 -18.60 45.91
C SER E 194 19.99 -19.52 47.01
N VAL E 195 18.70 -19.89 46.90
CA VAL E 195 18.05 -20.70 47.91
C VAL E 195 17.40 -21.90 47.23
N VAL E 196 17.21 -22.98 48.00
CA VAL E 196 16.47 -24.13 47.50
C VAL E 196 15.65 -24.72 48.64
N THR E 197 14.41 -25.12 48.31
CA THR E 197 13.51 -25.78 49.24
C THR E 197 13.55 -27.28 48.99
N VAL E 198 13.94 -28.03 50.03
CA VAL E 198 14.11 -29.46 49.95
C VAL E 198 13.17 -30.11 50.98
N PRO E 199 12.85 -31.42 50.85
CA PRO E 199 12.12 -32.12 51.91
C PRO E 199 12.89 -32.01 53.23
N SER E 200 12.15 -31.77 54.31
CA SER E 200 12.75 -31.58 55.62
C SER E 200 13.47 -32.85 56.05
N SER E 201 13.03 -33.99 55.50
CA SER E 201 13.48 -35.31 55.89
C SER E 201 14.87 -35.63 55.31
N SER E 202 15.19 -35.03 54.15
CA SER E 202 16.39 -35.37 53.41
C SER E 202 17.63 -34.70 54.02
N LEU E 203 17.43 -33.79 54.97
CA LEU E 203 18.50 -32.93 55.47
C LEU E 203 19.63 -33.75 56.10
N GLY E 204 19.28 -34.89 56.70
CA GLY E 204 20.24 -35.73 57.41
C GLY E 204 21.10 -36.57 56.48
N THR E 205 20.58 -36.85 55.28
CA THR E 205 21.25 -37.75 54.37
C THR E 205 21.78 -36.98 53.15
N GLN E 206 20.87 -36.63 52.24
CA GLN E 206 21.16 -35.92 50.99
C GLN E 206 22.03 -34.69 51.24
N THR E 207 23.06 -34.53 50.40
CA THR E 207 24.05 -33.47 50.60
C THR E 207 23.83 -32.35 49.60
N TYR E 208 23.69 -31.13 50.13
CA TYR E 208 23.44 -29.95 49.33
C TYR E 208 24.67 -29.06 49.33
N ILE E 209 25.27 -28.91 48.14
CA ILE E 209 26.50 -28.18 47.98
C ILE E 209 26.32 -27.23 46.81
N CYS E 210 26.29 -25.92 47.08
CA CYS E 210 26.08 -24.96 46.02
C CYS E 210 27.42 -24.64 45.36
N ASN E 211 27.38 -24.54 44.03
CA ASN E 211 28.56 -24.25 43.21
C ASN E 211 28.42 -22.84 42.66
N VAL E 212 29.37 -21.97 43.03
CA VAL E 212 29.39 -20.59 42.60
C VAL E 212 30.59 -20.38 41.70
N ASN E 213 30.37 -19.64 40.60
CA ASN E 213 31.43 -19.33 39.66
C ASN E 213 31.36 -17.85 39.29
N HIS E 214 32.48 -17.16 39.53
CA HIS E 214 32.69 -15.79 39.08
C HIS E 214 33.92 -15.79 38.18
N LYS E 215 33.68 -15.63 36.86
CA LYS E 215 34.72 -15.86 35.87
C LYS E 215 35.71 -14.70 35.84
N PRO E 216 35.27 -13.41 35.86
CA PRO E 216 36.20 -12.28 35.86
C PRO E 216 37.33 -12.40 36.89
N SER E 217 37.11 -13.17 37.95
CA SER E 217 38.06 -13.21 39.05
C SER E 217 38.61 -14.63 39.24
N ASN E 218 38.22 -15.53 38.33
CA ASN E 218 38.56 -16.94 38.42
C ASN E 218 38.25 -17.45 39.83
N THR E 219 37.00 -17.22 40.26
CA THR E 219 36.53 -17.65 41.56
C THR E 219 35.55 -18.80 41.38
N LYS E 220 35.96 -19.98 41.84
CA LYS E 220 35.13 -21.17 41.81
C LYS E 220 35.03 -21.68 43.25
N VAL E 221 33.81 -21.66 43.80
CA VAL E 221 33.56 -22.10 45.17
C VAL E 221 32.51 -23.20 45.15
N ASP E 222 32.83 -24.31 45.84
CA ASP E 222 31.85 -25.37 46.07
C ASP E 222 31.57 -25.42 47.57
N LYS E 223 30.56 -24.65 48.01
CA LYS E 223 30.29 -24.49 49.42
C LYS E 223 29.17 -25.44 49.86
N LYS E 224 29.50 -26.30 50.83
CA LYS E 224 28.58 -27.26 51.41
C LYS E 224 27.72 -26.55 52.45
N VAL E 225 26.40 -26.78 52.38
CA VAL E 225 25.46 -26.14 53.29
C VAL E 225 24.90 -27.22 54.23
N GLU E 226 25.45 -27.27 55.45
CA GLU E 226 25.03 -28.22 56.46
C GLU E 226 24.07 -27.52 57.41
N PRO E 227 23.14 -28.26 58.08
CA PRO E 227 22.42 -27.71 59.24
C PRO E 227 23.41 -27.19 60.26
N LYS E 228 23.04 -26.11 60.96
CA LYS E 228 23.92 -25.46 61.91
C LYS E 228 23.94 -26.26 63.22
N SER E 229 25.13 -26.41 63.81
CA SER E 229 25.37 -27.04 65.10
C SER E 229 25.01 -28.54 65.07
N ASP F 1 -15.66 49.71 2.91
CA ASP F 1 -16.21 49.36 1.56
C ASP F 1 -16.34 50.64 0.72
N ILE F 2 -16.51 50.45 -0.59
CA ILE F 2 -16.67 51.56 -1.53
C ILE F 2 -18.17 51.77 -1.80
N VAL F 3 -18.62 53.00 -1.56
CA VAL F 3 -20.00 53.40 -1.80
C VAL F 3 -20.06 54.17 -3.11
N LEU F 4 -20.75 53.57 -4.10
CA LEU F 4 -20.89 54.16 -5.43
C LEU F 4 -22.17 54.99 -5.48
N THR F 5 -22.07 56.18 -6.07
CA THR F 5 -23.23 57.02 -6.35
C THR F 5 -23.09 57.63 -7.74
N GLN F 6 -24.09 57.36 -8.59
CA GLN F 6 -24.16 57.92 -9.93
C GLN F 6 -24.87 59.27 -9.87
N THR F 7 -24.61 60.11 -10.88
CA THR F 7 -25.22 61.43 -10.99
C THR F 7 -25.57 61.71 -12.45
N PRO F 8 -26.79 62.22 -12.76
CA PRO F 8 -27.81 62.52 -11.74
C PRO F 8 -28.62 61.29 -11.29
N SER F 22 -22.32 59.61 -15.08
CA SER F 22 -21.15 59.78 -14.17
C SER F 22 -21.36 58.95 -12.90
N CYS F 23 -20.25 58.54 -12.29
CA CYS F 23 -20.23 57.60 -11.18
C CYS F 23 -19.07 57.92 -10.24
N ARG F 24 -19.39 58.14 -8.96
CA ARG F 24 -18.41 58.52 -7.95
C ARG F 24 -18.23 57.40 -6.93
N ALA F 25 -17.07 57.40 -6.26
CA ALA F 25 -16.72 56.37 -5.30
C ALA F 25 -16.23 56.98 -3.99
N SER F 26 -16.48 56.29 -2.88
CA SER F 26 -16.13 56.76 -1.55
C SER F 26 -14.61 56.66 -1.34
N GLN F 27 -14.07 55.46 -1.53
CA GLN F 27 -12.64 55.23 -1.51
C GLN F 27 -12.13 55.25 -2.95
N SER F 28 -10.81 55.39 -3.11
CA SER F 28 -10.18 55.37 -4.42
C SER F 28 -10.31 53.98 -5.03
N VAL F 29 -10.58 53.94 -6.34
CA VAL F 29 -10.83 52.70 -7.06
C VAL F 29 -9.83 52.59 -8.21
N SER F 30 -9.15 51.44 -8.29
CA SER F 30 -8.29 51.12 -9.42
C SER F 30 -9.13 51.08 -10.70
N SER F 31 -8.57 51.65 -11.77
CA SER F 31 -9.28 51.81 -13.04
C SER F 31 -9.54 50.44 -13.68
N SER F 32 -8.60 49.51 -13.50
CA SER F 32 -8.66 48.18 -14.10
C SER F 32 -9.92 47.44 -13.65
N TYR F 33 -10.45 47.81 -12.49
CA TYR F 33 -11.62 47.15 -11.92
C TYR F 33 -12.77 48.16 -11.78
N LEU F 34 -13.28 48.61 -12.93
CA LEU F 34 -14.42 49.51 -13.01
C LEU F 34 -15.10 49.30 -14.38
N ALA F 35 -16.41 49.05 -14.35
CA ALA F 35 -17.14 48.69 -15.56
C ALA F 35 -18.51 49.39 -15.60
N TRP F 36 -18.92 49.74 -16.82
CA TRP F 36 -20.22 50.35 -17.10
C TRP F 36 -21.13 49.32 -17.75
N TYR F 37 -22.42 49.37 -17.37
CA TYR F 37 -23.41 48.41 -17.86
C TYR F 37 -24.66 49.15 -18.34
N GLN F 38 -25.39 48.50 -19.24
CA GLN F 38 -26.61 49.05 -19.82
C GLN F 38 -27.73 48.01 -19.69
N GLN F 39 -28.90 48.46 -19.23
CA GLN F 39 -30.03 47.58 -19.04
C GLN F 39 -31.28 48.19 -19.65
N LYS F 40 -31.95 47.39 -20.49
CA LYS F 40 -33.22 47.74 -21.10
C LYS F 40 -34.33 46.97 -20.38
N PRO F 41 -35.59 47.47 -20.37
CA PRO F 41 -36.67 46.81 -19.63
C PRO F 41 -36.86 45.34 -20.01
N GLY F 42 -36.81 44.46 -19.00
CA GLY F 42 -37.13 43.05 -19.18
C GLY F 42 -35.90 42.18 -19.46
N GLN F 43 -34.79 42.83 -19.83
CA GLN F 43 -33.59 42.13 -20.24
C GLN F 43 -32.54 42.19 -19.14
N ALA F 44 -31.52 41.32 -19.28
CA ALA F 44 -30.36 41.32 -18.41
C ALA F 44 -29.42 42.46 -18.80
N PRO F 45 -28.52 42.91 -17.90
CA PRO F 45 -27.50 43.90 -18.24
C PRO F 45 -26.50 43.39 -19.29
N ARG F 46 -25.90 44.34 -20.02
CA ARG F 46 -24.85 44.05 -20.98
C ARG F 46 -23.61 44.87 -20.61
N LEU F 47 -22.42 44.34 -20.95
CA LEU F 47 -21.19 45.07 -20.72
C LEU F 47 -20.97 46.05 -21.86
N LEU F 48 -20.68 47.31 -21.51
CA LEU F 48 -20.35 48.35 -22.48
C LEU F 48 -18.88 48.70 -22.35
N ILE F 49 -18.50 49.15 -21.14
CA ILE F 49 -17.15 49.60 -20.85
C ILE F 49 -16.60 48.75 -19.70
N TYR F 50 -15.35 48.32 -19.85
CA TYR F 50 -14.59 47.68 -18.78
C TYR F 50 -13.25 48.38 -18.64
N GLY F 51 -12.56 48.12 -17.53
CA GLY F 51 -11.25 48.69 -17.24
C GLY F 51 -11.23 50.21 -17.38
N ALA F 52 -12.35 50.84 -16.99
CA ALA F 52 -12.54 52.29 -16.96
C ALA F 52 -12.73 52.87 -18.37
N SER F 53 -11.84 52.50 -19.30
CA SER F 53 -11.83 53.12 -20.62
C SER F 53 -11.52 52.09 -21.71
N SER F 54 -12.34 51.04 -21.78
CA SER F 54 -12.23 50.04 -22.83
C SER F 54 -13.63 49.65 -23.33
N ARG F 55 -13.73 49.39 -24.63
CA ARG F 55 -14.99 48.99 -25.25
C ARG F 55 -15.11 47.47 -25.22
N ALA F 56 -16.33 46.99 -24.94
CA ALA F 56 -16.64 45.57 -25.03
C ALA F 56 -16.74 45.19 -26.51
N THR F 57 -16.59 43.89 -26.79
CA THR F 57 -16.55 43.39 -28.16
C THR F 57 -17.89 43.63 -28.83
N GLY F 58 -17.85 44.31 -29.99
CA GLY F 58 -19.04 44.58 -30.79
C GLY F 58 -19.93 45.65 -30.15
N ILE F 59 -19.32 46.51 -29.32
CA ILE F 59 -20.02 47.64 -28.74
C ILE F 59 -19.71 48.89 -29.55
N PRO F 60 -20.74 49.59 -30.06
CA PRO F 60 -20.56 50.74 -30.96
C PRO F 60 -19.54 51.78 -30.50
N ASP F 61 -19.02 52.54 -31.49
CA ASP F 61 -17.97 53.52 -31.30
C ASP F 61 -18.48 54.73 -30.51
N ARG F 62 -19.82 54.93 -30.55
CA ARG F 62 -20.47 56.10 -29.98
C ARG F 62 -20.28 56.18 -28.47
N PHE F 63 -19.87 55.05 -27.86
CA PHE F 63 -19.65 54.95 -26.42
C PHE F 63 -18.16 55.18 -26.11
N SER F 64 -17.90 55.80 -24.95
CA SER F 64 -16.55 56.07 -24.49
C SER F 64 -16.52 56.09 -22.96
N GLY F 65 -15.41 55.59 -22.39
CA GLY F 65 -15.22 55.53 -20.95
C GLY F 65 -14.06 56.43 -20.51
N SER F 66 -14.15 56.91 -19.27
CA SER F 66 -13.26 57.96 -18.78
C SER F 66 -13.23 57.94 -17.25
N GLY F 67 -12.08 58.31 -16.68
CA GLY F 67 -11.96 58.56 -15.25
C GLY F 67 -10.83 57.78 -14.59
N SER F 68 -10.54 58.15 -13.33
CA SER F 68 -9.62 57.47 -12.45
C SER F 68 -9.72 58.06 -11.05
N GLY F 69 -9.29 57.29 -10.05
CA GLY F 69 -9.34 57.72 -8.66
C GLY F 69 -10.71 57.46 -8.03
N THR F 70 -11.54 58.52 -8.01
CA THR F 70 -12.89 58.45 -7.47
C THR F 70 -13.91 58.91 -8.51
N ASP F 71 -13.42 59.58 -9.56
CA ASP F 71 -14.26 60.18 -10.58
C ASP F 71 -14.18 59.34 -11.86
N PHE F 72 -15.36 58.93 -12.36
CA PHE F 72 -15.48 58.16 -13.59
C PHE F 72 -16.67 58.67 -14.39
N THR F 73 -16.48 58.80 -15.72
CA THR F 73 -17.49 59.36 -16.61
C THR F 73 -17.67 58.47 -17.83
N LEU F 74 -18.92 58.41 -18.33
CA LEU F 74 -19.27 57.60 -19.50
C LEU F 74 -19.61 58.54 -20.67
N TYR F 87 -28.70 52.68 -16.48
CA TYR F 87 -27.23 52.48 -16.62
C TYR F 87 -26.60 52.28 -15.24
N TYR F 88 -25.57 51.44 -15.19
CA TYR F 88 -24.96 51.03 -13.94
C TYR F 88 -23.43 51.03 -14.05
N CYS F 89 -22.79 51.44 -12.96
CA CYS F 89 -21.35 51.34 -12.78
C CYS F 89 -21.05 50.39 -11.63
N GLN F 90 -20.15 49.43 -11.87
CA GLN F 90 -19.79 48.44 -10.87
C GLN F 90 -18.26 48.48 -10.68
N GLN F 91 -17.85 48.42 -9.40
CA GLN F 91 -16.44 48.27 -9.07
C GLN F 91 -16.21 46.87 -8.49
N TYR F 92 -15.10 46.24 -8.92
CA TYR F 92 -14.81 44.87 -8.53
C TYR F 92 -13.33 44.72 -8.15
N VAL F 93 -12.93 45.42 -7.09
CA VAL F 93 -11.53 45.47 -6.66
C VAL F 93 -11.32 44.52 -5.49
N GLY F 94 -10.28 43.69 -5.58
CA GLY F 94 -9.94 42.73 -4.55
C GLY F 94 -10.78 41.47 -4.63
N LEU F 95 -10.82 40.72 -3.53
CA LEU F 95 -11.60 39.49 -3.45
C LEU F 95 -13.03 39.80 -3.03
N THR F 96 -13.22 40.87 -2.26
CA THR F 96 -14.51 41.19 -1.69
C THR F 96 -14.77 42.70 -1.76
N GLY F 97 -16.02 43.07 -1.49
CA GLY F 97 -16.42 44.47 -1.36
C GLY F 97 -16.83 45.07 -2.71
N TRP F 98 -17.38 44.24 -3.60
CA TRP F 98 -17.88 44.68 -4.89
C TRP F 98 -19.26 45.29 -4.71
N THR F 99 -19.48 46.48 -5.32
CA THR F 99 -20.75 47.17 -5.22
C THR F 99 -21.15 47.76 -6.56
N PHE F 100 -22.44 48.14 -6.65
CA PHE F 100 -23.02 48.82 -7.80
C PHE F 100 -23.53 50.20 -7.37
N GLY F 101 -23.73 51.07 -8.37
CA GLY F 101 -24.43 52.33 -8.17
C GLY F 101 -25.94 52.15 -8.21
N GLN F 102 -26.68 53.26 -8.08
CA GLN F 102 -28.13 53.20 -8.04
C GLN F 102 -28.72 53.30 -9.45
N GLY F 103 -28.30 54.32 -10.21
CA GLY F 103 -28.78 54.53 -11.56
C GLY F 103 -28.54 55.95 -12.06
N GLN G 1 -23.05 28.28 -29.68
CA GLN G 1 -23.06 29.73 -29.32
C GLN G 1 -22.65 29.89 -27.85
N VAL G 2 -22.22 31.11 -27.51
CA VAL G 2 -21.71 31.45 -26.18
C VAL G 2 -22.81 32.15 -25.39
N GLN G 3 -23.11 31.61 -24.19
CA GLN G 3 -24.18 32.15 -23.37
C GLN G 3 -24.14 31.54 -21.97
N LEU G 4 -25.03 32.06 -21.10
CA LEU G 4 -25.32 31.51 -19.79
C LEU G 4 -26.84 31.36 -19.66
N VAL G 5 -27.30 30.16 -19.31
CA VAL G 5 -28.72 29.87 -19.22
C VAL G 5 -29.08 29.54 -17.77
N GLN G 6 -30.01 30.32 -17.21
CA GLN G 6 -30.49 30.13 -15.85
C GLN G 6 -31.76 29.29 -15.88
N SER G 7 -32.13 28.76 -14.70
CA SER G 7 -33.37 28.02 -14.52
C SER G 7 -34.54 28.99 -14.40
N GLY G 8 -35.76 28.46 -14.57
CA GLY G 8 -36.98 29.26 -14.64
C GLY G 8 -37.35 29.90 -13.31
N PRO G 9 -38.51 30.63 -13.24
CA PRO G 9 -38.89 31.37 -12.04
C PRO G 9 -39.20 30.46 -10.84
N GLU G 10 -38.99 31.01 -9.63
CA GLU G 10 -39.14 30.26 -8.39
C GLU G 10 -40.06 31.03 -7.43
N VAL G 11 -40.83 30.27 -6.65
CA VAL G 11 -41.73 30.79 -5.64
C VAL G 11 -41.59 29.96 -4.37
N LYS G 12 -41.16 30.62 -3.28
CA LYS G 12 -40.97 29.98 -1.98
C LYS G 12 -41.63 30.82 -0.90
N LYS G 13 -41.56 30.34 0.35
CA LYS G 13 -42.18 31.00 1.50
C LYS G 13 -41.09 31.44 2.48
N PRO G 14 -41.34 32.48 3.32
CA PRO G 14 -40.32 33.01 4.24
C PRO G 14 -39.72 31.95 5.16
N GLY G 15 -38.38 31.94 5.24
CA GLY G 15 -37.66 31.02 6.09
C GLY G 15 -36.91 29.95 5.30
N THR G 16 -37.53 29.49 4.20
CA THR G 16 -37.05 28.36 3.43
C THR G 16 -35.80 28.75 2.64
N SER G 17 -35.34 27.82 1.79
CA SER G 17 -34.15 28.02 0.95
C SER G 17 -34.50 27.75 -0.51
N VAL G 18 -33.72 28.37 -1.41
CA VAL G 18 -33.93 28.25 -2.85
C VAL G 18 -32.58 27.96 -3.52
N ARG G 19 -32.63 27.21 -4.63
CA ARG G 19 -31.43 26.74 -5.31
C ARG G 19 -31.50 27.10 -6.80
N VAL G 20 -30.88 28.23 -7.16
CA VAL G 20 -30.82 28.72 -8.53
C VAL G 20 -29.60 28.11 -9.21
N SER G 21 -29.75 27.77 -10.50
CA SER G 21 -28.65 27.24 -11.30
C SER G 21 -28.30 28.19 -12.44
N CYS G 22 -27.05 28.08 -12.90
CA CYS G 22 -26.53 28.88 -14.01
C CYS G 22 -25.63 27.98 -14.87
N LYS G 23 -26.14 27.61 -16.05
CA LYS G 23 -25.45 26.69 -16.94
C LYS G 23 -24.69 27.47 -18.01
N ALA G 24 -23.47 27.01 -18.30
CA ALA G 24 -22.62 27.62 -19.31
C ALA G 24 -22.33 26.63 -20.43
N SER G 25 -22.22 27.16 -21.65
CA SER G 25 -21.76 26.41 -22.82
C SER G 25 -21.12 27.37 -23.82
N GLY G 26 -20.16 26.84 -24.59
CA GLY G 26 -19.42 27.63 -25.57
C GLY G 26 -17.99 27.89 -25.13
N PHE G 27 -17.84 28.81 -24.15
CA PHE G 27 -16.54 29.23 -23.66
C PHE G 27 -16.00 28.21 -22.67
N THR G 28 -14.66 28.19 -22.52
CA THR G 28 -13.98 27.33 -21.57
C THR G 28 -14.33 27.77 -20.15
N PHE G 29 -15.30 27.08 -19.55
CA PHE G 29 -15.95 27.50 -18.32
C PHE G 29 -15.00 27.45 -17.14
N THR G 30 -14.02 26.55 -17.22
CA THR G 30 -13.13 26.24 -16.10
C THR G 30 -12.31 27.46 -15.70
N SER G 31 -11.79 28.18 -16.71
CA SER G 31 -10.91 29.32 -16.46
C SER G 31 -11.70 30.57 -16.12
N SER G 32 -13.01 30.42 -15.91
CA SER G 32 -13.88 31.57 -15.71
C SER G 32 -14.24 31.75 -14.24
N ALA G 33 -15.16 32.68 -13.99
CA ALA G 33 -15.74 32.98 -12.69
C ALA G 33 -17.20 33.36 -12.89
N VAL G 34 -18.01 33.24 -11.83
CA VAL G 34 -19.43 33.56 -11.93
C VAL G 34 -19.84 34.46 -10.76
N GLN G 35 -20.28 35.67 -11.08
CA GLN G 35 -20.82 36.58 -10.07
C GLN G 35 -22.34 36.48 -10.07
N TRP G 36 -22.94 36.81 -8.92
CA TRP G 36 -24.38 36.78 -8.77
C TRP G 36 -24.90 38.16 -8.38
N VAL G 37 -25.87 38.66 -9.15
CA VAL G 37 -26.44 39.99 -8.97
C VAL G 37 -27.95 39.85 -8.83
N ARG G 38 -28.51 40.55 -7.84
CA ARG G 38 -29.95 40.57 -7.61
C ARG G 38 -30.49 41.98 -7.82
N GLN G 39 -31.79 42.06 -8.15
CA GLN G 39 -32.43 43.31 -8.55
C GLN G 39 -33.93 43.21 -8.30
N ALA G 40 -34.41 44.01 -7.35
CA ALA G 40 -35.83 44.12 -7.04
C ALA G 40 -36.55 44.82 -8.19
N ARG G 41 -37.88 44.89 -8.10
CA ARG G 41 -38.73 45.43 -9.15
C ARG G 41 -38.47 46.91 -9.35
N GLY G 42 -37.84 47.24 -10.49
CA GLY G 42 -37.57 48.61 -10.89
C GLY G 42 -36.66 49.35 -9.91
N GLN G 43 -35.64 48.66 -9.39
CA GLN G 43 -34.72 49.23 -8.43
C GLN G 43 -33.28 48.85 -8.79
N ARG G 44 -32.34 49.36 -7.97
CA ARG G 44 -30.91 49.30 -8.25
C ARG G 44 -30.40 47.86 -8.22
N LEU G 45 -29.18 47.67 -8.73
CA LEU G 45 -28.49 46.40 -8.67
C LEU G 45 -27.78 46.28 -7.31
N GLU G 46 -27.73 45.06 -6.78
CA GLU G 46 -26.96 44.78 -5.57
C GLU G 46 -26.12 43.53 -5.81
N TRP G 47 -24.95 43.47 -5.17
CA TRP G 47 -24.04 42.35 -5.31
C TRP G 47 -24.36 41.29 -4.27
N VAL G 48 -24.36 40.02 -4.71
CA VAL G 48 -24.63 38.88 -3.86
C VAL G 48 -23.32 38.20 -3.50
N GLY G 49 -22.49 37.96 -4.52
CA GLY G 49 -21.19 37.31 -4.36
C GLY G 49 -20.62 36.82 -5.69
N TRP G 50 -19.58 35.99 -5.62
CA TRP G 50 -18.95 35.41 -6.80
C TRP G 50 -18.10 34.19 -6.42
N ILE G 51 -17.93 33.29 -7.41
CA ILE G 51 -17.12 32.09 -7.29
C ILE G 51 -16.12 32.05 -8.44
N VAL G 52 -14.98 31.40 -8.20
CA VAL G 52 -14.03 31.08 -9.25
C VAL G 52 -14.23 29.62 -9.61
N VAL G 53 -14.42 29.35 -10.92
CA VAL G 53 -14.86 28.03 -11.37
C VAL G 53 -13.82 26.99 -11.01
N GLY G 54 -12.56 27.25 -11.34
CA GLY G 54 -11.48 26.29 -11.15
C GLY G 54 -11.27 25.90 -9.68
N SER G 55 -11.47 26.87 -8.78
CA SER G 55 -11.03 26.75 -7.40
C SER G 55 -12.18 26.55 -6.43
N GLY G 56 -13.33 27.20 -6.72
CA GLY G 56 -14.49 27.14 -5.86
C GLY G 56 -14.43 28.16 -4.72
N ASN G 57 -13.53 29.15 -4.86
CA ASN G 57 -13.33 30.20 -3.88
C ASN G 57 -14.49 31.19 -3.95
N THR G 58 -15.20 31.33 -2.82
CA THR G 58 -16.40 32.16 -2.75
C THR G 58 -16.15 33.35 -1.84
N ASN G 59 -16.64 34.52 -2.26
CA ASN G 59 -16.73 35.70 -1.41
C ASN G 59 -18.16 36.21 -1.48
N TYR G 60 -18.64 36.79 -0.38
CA TYR G 60 -20.02 37.24 -0.29
C TYR G 60 -20.07 38.70 0.16
N ALA G 61 -21.28 39.28 0.08
CA ALA G 61 -21.55 40.62 0.61
C ALA G 61 -21.91 40.52 2.08
N GLN G 62 -22.10 41.68 2.72
CA GLN G 62 -22.44 41.75 4.13
C GLN G 62 -23.76 41.05 4.40
N LYS G 63 -24.77 41.36 3.58
CA LYS G 63 -26.16 41.04 3.90
C LYS G 63 -26.43 39.54 3.82
N PHE G 64 -25.49 38.79 3.23
CA PHE G 64 -25.76 37.39 2.92
C PHE G 64 -24.65 36.47 3.46
N HIS G 65 -23.66 37.06 4.13
CA HIS G 65 -22.36 36.46 4.35
C HIS G 65 -22.44 35.11 5.06
N GLU G 66 -23.62 34.77 5.62
CA GLU G 66 -23.78 33.52 6.34
C GLU G 66 -25.09 32.83 5.97
N ARG G 67 -25.79 33.35 4.95
CA ARG G 67 -27.04 32.75 4.54
C ARG G 67 -27.12 32.63 3.01
N VAL G 68 -25.95 32.53 2.37
CA VAL G 68 -25.88 32.27 0.94
C VAL G 68 -24.68 31.36 0.65
N THR G 69 -24.82 30.50 -0.36
CA THR G 69 -23.80 29.54 -0.74
C THR G 69 -23.75 29.40 -2.26
N ILE G 70 -22.64 29.85 -2.85
CA ILE G 70 -22.40 29.69 -4.28
C ILE G 70 -21.46 28.50 -4.48
N THR G 71 -21.97 27.45 -5.14
CA THR G 71 -21.14 26.31 -5.51
C THR G 71 -21.12 26.18 -7.03
N ARG G 72 -20.24 25.29 -7.53
CA ARG G 72 -20.18 25.03 -8.96
C ARG G 72 -19.97 23.54 -9.20
N ASP G 73 -20.21 23.11 -10.45
CA ASP G 73 -20.09 21.74 -10.88
C ASP G 73 -19.40 21.74 -12.24
N MET G 74 -18.07 21.60 -12.23
CA MET G 74 -17.26 21.71 -13.44
C MET G 74 -17.68 20.66 -14.46
N SER G 75 -17.91 19.43 -13.99
CA SER G 75 -18.14 18.30 -14.85
C SER G 75 -19.51 18.36 -15.52
N THR G 76 -20.27 19.43 -15.25
CA THR G 76 -21.53 19.67 -15.95
C THR G 76 -21.61 21.11 -16.45
N SER G 77 -20.58 21.92 -16.14
CA SER G 77 -20.49 23.31 -16.54
C SER G 77 -21.66 24.12 -15.96
N THR G 78 -21.88 23.96 -14.65
CA THR G 78 -23.04 24.55 -14.00
C THR G 78 -22.64 25.16 -12.66
N ALA G 79 -23.02 26.43 -12.46
CA ALA G 79 -22.85 27.10 -11.18
C ALA G 79 -24.22 27.21 -10.51
N TYR G 80 -24.21 27.24 -9.17
CA TYR G 80 -25.43 27.33 -8.38
C TYR G 80 -25.32 28.47 -7.38
N MET G 81 -26.46 29.13 -7.11
CA MET G 81 -26.56 30.05 -6.00
C MET G 81 -27.70 29.61 -5.08
N GLU G 82 -27.41 29.60 -3.78
CA GLU G 82 -28.34 29.08 -2.78
C GLU G 82 -28.54 30.13 -1.69
N LEU G 83 -29.77 30.66 -1.61
CA LEU G 83 -30.14 31.61 -0.58
C LEU G 83 -31.10 30.94 0.39
N SER G 84 -30.80 31.05 1.68
CA SER G 84 -31.60 30.49 2.76
C SER G 84 -32.04 31.60 3.71
N SER G 85 -33.11 31.34 4.47
CA SER G 85 -33.73 32.30 5.38
C SER G 85 -34.32 33.46 4.58
N LEU G 86 -35.27 33.13 3.71
CA LEU G 86 -35.87 34.09 2.79
C LEU G 86 -36.84 34.99 3.54
N ARG G 87 -37.04 36.21 3.00
CA ARG G 87 -37.93 37.19 3.57
C ARG G 87 -38.51 38.05 2.43
N SER G 88 -39.00 39.24 2.79
CA SER G 88 -39.58 40.17 1.81
C SER G 88 -38.49 40.75 0.91
N GLU G 89 -37.31 41.01 1.50
CA GLU G 89 -36.21 41.67 0.81
C GLU G 89 -35.60 40.77 -0.27
N ASP G 90 -35.99 39.48 -0.26
CA ASP G 90 -35.33 38.50 -1.13
C ASP G 90 -36.21 38.17 -2.33
N THR G 91 -37.25 38.98 -2.55
CA THR G 91 -38.13 38.84 -3.71
C THR G 91 -37.62 39.73 -4.84
N ALA G 92 -36.70 39.18 -5.65
CA ALA G 92 -36.01 39.94 -6.67
C ALA G 92 -35.72 39.08 -7.90
N VAL G 93 -35.08 39.68 -8.90
CA VAL G 93 -34.62 38.99 -10.09
C VAL G 93 -33.11 38.78 -9.97
N TYR G 94 -32.70 37.50 -10.03
CA TYR G 94 -31.33 37.09 -9.77
C TYR G 94 -30.65 36.72 -11.08
N TYR G 95 -29.46 37.28 -11.30
CA TYR G 95 -28.68 37.07 -12.51
C TYR G 95 -27.33 36.44 -12.17
N CYS G 96 -26.84 35.57 -13.07
CA CYS G 96 -25.45 35.12 -13.04
C CYS G 96 -24.71 35.73 -14.23
N ALA G 97 -23.41 35.99 -14.03
CA ALA G 97 -22.58 36.61 -15.05
C ALA G 97 -21.17 36.01 -15.02
N SER G 98 -20.52 36.01 -16.19
CA SER G 98 -19.20 35.41 -16.34
C SER G 98 -18.35 36.21 -17.33
N PRO G 99 -17.01 36.22 -17.17
CA PRO G 99 -16.10 36.65 -18.23
C PRO G 99 -15.94 35.54 -19.25
N TYR G 100 -15.80 35.92 -20.53
CA TYR G 100 -15.49 34.99 -21.59
C TYR G 100 -14.06 34.49 -21.40
N CYS G 101 -13.89 33.16 -21.45
CA CYS G 101 -12.56 32.57 -21.37
C CYS G 101 -12.37 31.60 -22.53
N SER G 102 -11.15 31.59 -23.09
CA SER G 102 -10.86 30.83 -24.28
C SER G 102 -9.52 30.12 -24.10
N GLY G 103 -9.50 29.14 -23.18
CA GLY G 103 -8.29 28.40 -22.86
C GLY G 103 -7.35 29.20 -21.96
N GLY G 104 -6.36 29.85 -22.59
CA GLY G 104 -5.29 30.56 -21.90
C GLY G 104 -5.78 31.79 -21.16
N SER G 105 -6.35 32.76 -21.88
CA SER G 105 -6.71 34.05 -21.31
C SER G 105 -8.22 34.30 -21.36
N CYS G 106 -8.65 35.37 -20.68
CA CYS G 106 -10.04 35.74 -20.52
C CYS G 106 -10.19 37.25 -20.77
N SER G 107 -11.40 37.68 -21.14
CA SER G 107 -11.70 39.10 -21.29
C SER G 107 -11.84 39.73 -19.91
N ASP G 108 -11.60 41.05 -19.85
CA ASP G 108 -11.32 41.72 -18.58
C ASP G 108 -12.58 42.33 -18.00
N GLY G 109 -13.69 41.61 -18.13
CA GLY G 109 -14.96 42.04 -17.55
C GLY G 109 -16.06 41.00 -17.74
N PHE G 110 -17.15 41.15 -16.98
CA PHE G 110 -18.30 40.28 -17.08
C PHE G 110 -19.08 40.63 -18.34
N ASP G 111 -18.78 39.91 -19.43
CA ASP G 111 -19.36 40.21 -20.73
C ASP G 111 -20.38 39.14 -21.13
N ILE G 112 -20.59 38.15 -20.25
CA ILE G 112 -21.62 37.14 -20.49
C ILE G 112 -22.59 37.15 -19.30
N TRP G 113 -23.87 37.43 -19.59
CA TRP G 113 -24.92 37.48 -18.58
C TRP G 113 -26.02 36.49 -18.93
N GLY G 114 -26.73 36.01 -17.89
CA GLY G 114 -27.83 35.09 -18.06
C GLY G 114 -29.08 35.78 -18.60
N GLN G 115 -30.21 35.06 -18.58
CA GLN G 115 -31.49 35.64 -18.99
C GLN G 115 -32.26 36.12 -17.76
N GLY G 116 -31.89 35.59 -16.58
CA GLY G 116 -32.44 36.03 -15.31
C GLY G 116 -33.36 34.99 -14.67
N THR G 117 -33.62 35.18 -13.37
CA THR G 117 -34.52 34.33 -12.61
C THR G 117 -35.25 35.20 -11.58
N MET G 118 -36.59 35.30 -11.73
CA MET G 118 -37.42 35.99 -10.76
C MET G 118 -37.70 35.03 -9.60
N VAL G 119 -37.35 35.47 -8.39
CA VAL G 119 -37.56 34.69 -7.18
C VAL G 119 -38.59 35.41 -6.32
N THR G 120 -39.57 34.64 -5.82
CA THR G 120 -40.68 35.22 -5.08
C THR G 120 -40.78 34.58 -3.70
N VAL G 121 -40.87 35.45 -2.68
CA VAL G 121 -41.06 35.03 -1.30
C VAL G 121 -42.20 35.85 -0.70
N SER G 122 -43.32 35.16 -0.41
CA SER G 122 -44.56 35.81 -0.04
C SER G 122 -45.31 34.98 1.00
#